data_1FF4
# 
_entry.id   1FF4 
# 
_audit_conform.dict_name       mmcif_pdbx.dic 
_audit_conform.dict_version    5.397 
_audit_conform.dict_location   http://mmcif.pdb.org/dictionaries/ascii/mmcif_pdbx.dic 
# 
loop_
_database_2.database_id 
_database_2.database_code 
_database_2.pdbx_database_accession 
_database_2.pdbx_DOI 
PDB   1FF4         pdb_00001ff4 10.2210/pdb1ff4/pdb 
RCSB  RCSB011533   ?            ?                   
WWPDB D_1000011533 ?            ?                   
# 
loop_
_pdbx_audit_revision_history.ordinal 
_pdbx_audit_revision_history.data_content_type 
_pdbx_audit_revision_history.major_revision 
_pdbx_audit_revision_history.minor_revision 
_pdbx_audit_revision_history.revision_date 
1 'Structure model' 1 0 2003-07-08 
2 'Structure model' 1 1 2008-04-27 
3 'Structure model' 1 2 2011-07-13 
4 'Structure model' 1 3 2018-01-31 
5 'Structure model' 1 4 2018-04-04 
6 'Structure model' 1 5 2024-10-16 
# 
_pdbx_audit_revision_details.ordinal             1 
_pdbx_audit_revision_details.revision_ordinal    1 
_pdbx_audit_revision_details.data_content_type   'Structure model' 
_pdbx_audit_revision_details.provider            repository 
_pdbx_audit_revision_details.type                'Initial release' 
_pdbx_audit_revision_details.description         ? 
_pdbx_audit_revision_details.details             ? 
# 
loop_
_pdbx_audit_revision_group.ordinal 
_pdbx_audit_revision_group.revision_ordinal 
_pdbx_audit_revision_group.data_content_type 
_pdbx_audit_revision_group.group 
1 2 'Structure model' 'Version format compliance' 
2 3 'Structure model' 'Derived calculations'      
3 3 'Structure model' 'Version format compliance' 
4 4 'Structure model' 'Experimental preparation'  
5 5 'Structure model' 'Data collection'           
6 6 'Structure model' 'Data collection'           
7 6 'Structure model' 'Database references'       
8 6 'Structure model' 'Derived calculations'      
9 6 'Structure model' 'Structure summary'         
# 
loop_
_pdbx_audit_revision_category.ordinal 
_pdbx_audit_revision_category.revision_ordinal 
_pdbx_audit_revision_category.data_content_type 
_pdbx_audit_revision_category.category 
1 4 'Structure model' exptl_crystal_grow        
2 5 'Structure model' diffrn_source             
3 6 'Structure model' chem_comp_atom            
4 6 'Structure model' chem_comp_bond            
5 6 'Structure model' database_2                
6 6 'Structure model' pdbx_entry_details        
7 6 'Structure model' pdbx_modification_feature 
8 6 'Structure model' struct_sheet              
9 6 'Structure model' struct_site               
# 
loop_
_pdbx_audit_revision_item.ordinal 
_pdbx_audit_revision_item.revision_ordinal 
_pdbx_audit_revision_item.data_content_type 
_pdbx_audit_revision_item.item 
1 4 'Structure model' '_exptl_crystal_grow.pdbx_details'    
2 4 'Structure model' '_exptl_crystal_grow.temp'            
3 5 'Structure model' '_diffrn_source.type'                 
4 6 'Structure model' '_database_2.pdbx_DOI'                
5 6 'Structure model' '_database_2.pdbx_database_accession' 
6 6 'Structure model' '_struct_sheet.number_strands'        
7 6 'Structure model' '_struct_site.pdbx_auth_asym_id'      
8 6 'Structure model' '_struct_site.pdbx_auth_comp_id'      
9 6 'Structure model' '_struct_site.pdbx_auth_seq_id'       
# 
_pdbx_database_status.status_code                     REL 
_pdbx_database_status.entry_id                        1FF4 
_pdbx_database_status.recvd_initial_deposition_date   2000-07-25 
_pdbx_database_status.deposit_site                    RCSB 
_pdbx_database_status.process_site                    RCSB 
_pdbx_database_status.SG_entry                        . 
_pdbx_database_status.pdb_format_compatible           Y 
_pdbx_database_status.status_code_mr                  ? 
_pdbx_database_status.status_code_sf                  ? 
_pdbx_database_status.status_code_cs                  ? 
_pdbx_database_status.methods_development_category    ? 
_pdbx_database_status.status_code_nmr_data            ? 
# 
loop_
_audit_author.name 
_audit_author.pdbx_ordinal 
'Menez, R.'     1 
'Le Du, M.H.'   2 
'Gaucher, J.F.' 3 
'Menez, A.'     4 
# 
_citation.id                        primary 
_citation.title                     'X-ray structure of muscarinic toxin 2 at 1.5 Angstrom resolution' 
_citation.journal_abbrev            'To be Published' 
_citation.journal_volume            ? 
_citation.page_first                ? 
_citation.page_last                 ? 
_citation.year                      ? 
_citation.journal_id_ASTM           ? 
_citation.country                   ? 
_citation.journal_id_ISSN           ? 
_citation.journal_id_CSD            0353 
_citation.book_publisher            ? 
_citation.pdbx_database_id_PubMed   ? 
_citation.pdbx_database_id_DOI      ? 
# 
loop_
_citation_author.citation_id 
_citation_author.name 
_citation_author.ordinal 
_citation_author.identifier_ORCID 
primary 'Menez, R.'     1 ? 
primary 'Le Du, M.H.'   2 ? 
primary 'Gaucher, J.F.' 3 ? 
primary 'Menez, A.'     4 ? 
# 
loop_
_entity.id 
_entity.type 
_entity.src_method 
_entity.pdbx_description 
_entity.formula_weight 
_entity.pdbx_number_of_molecules 
_entity.pdbx_ec 
_entity.pdbx_mutation 
_entity.pdbx_fragment 
_entity.details 
1 polymer     nat 'MUSCARINIC TOXIN/ACETYLCHOLINE RECEPTOR BINDING PROTEIN' 7093.088 1  ? ? ? ? 
2 non-polymer syn 'SULFATE ION'                                             96.063   1  ? ? ? ? 
3 water       nat water                                                     18.015   77 ? ? ? ? 
# 
_entity_name_com.entity_id   1 
_entity_name_com.name        'MUSCARINIC THREE-FINGERS TOXIN' 
# 
_entity_poly.entity_id                      1 
_entity_poly.type                           'polypeptide(L)' 
_entity_poly.nstd_linkage                   no 
_entity_poly.nstd_monomer                   no 
_entity_poly.pdbx_seq_one_letter_code       LTCVTTKSIGGVTTEDCPAGQNVCFKRWHYVTPKNYDIIKGCAATCPKVDNNDPIRCCGTDKCND 
_entity_poly.pdbx_seq_one_letter_code_can   LTCVTTKSIGGVTTEDCPAGQNVCFKRWHYVTPKNYDIIKGCAATCPKVDNNDPIRCCGTDKCND 
_entity_poly.pdbx_strand_id                 A 
_entity_poly.pdbx_target_identifier         ? 
# 
loop_
_pdbx_entity_nonpoly.entity_id 
_pdbx_entity_nonpoly.name 
_pdbx_entity_nonpoly.comp_id 
2 'SULFATE ION' SO4 
3 water         HOH 
# 
loop_
_entity_poly_seq.entity_id 
_entity_poly_seq.num 
_entity_poly_seq.mon_id 
_entity_poly_seq.hetero 
1 1  LEU n 
1 2  THR n 
1 3  CYS n 
1 4  VAL n 
1 5  THR n 
1 6  THR n 
1 7  LYS n 
1 8  SER n 
1 9  ILE n 
1 10 GLY n 
1 11 GLY n 
1 12 VAL n 
1 13 THR n 
1 14 THR n 
1 15 GLU n 
1 16 ASP n 
1 17 CYS n 
1 18 PRO n 
1 19 ALA n 
1 20 GLY n 
1 21 GLN n 
1 22 ASN n 
1 23 VAL n 
1 24 CYS n 
1 25 PHE n 
1 26 LYS n 
1 27 ARG n 
1 28 TRP n 
1 29 HIS n 
1 30 TYR n 
1 31 VAL n 
1 32 THR n 
1 33 PRO n 
1 34 LYS n 
1 35 ASN n 
1 36 TYR n 
1 37 ASP n 
1 38 ILE n 
1 39 ILE n 
1 40 LYS n 
1 41 GLY n 
1 42 CYS n 
1 43 ALA n 
1 44 ALA n 
1 45 THR n 
1 46 CYS n 
1 47 PRO n 
1 48 LYS n 
1 49 VAL n 
1 50 ASP n 
1 51 ASN n 
1 52 ASN n 
1 53 ASP n 
1 54 PRO n 
1 55 ILE n 
1 56 ARG n 
1 57 CYS n 
1 58 CYS n 
1 59 GLY n 
1 60 THR n 
1 61 ASP n 
1 62 LYS n 
1 63 CYS n 
1 64 ASN n 
1 65 ASP n 
# 
_entity_src_nat.entity_id                  1 
_entity_src_nat.pdbx_src_id                1 
_entity_src_nat.pdbx_alt_source_flag       sample 
_entity_src_nat.pdbx_beg_seq_num           ? 
_entity_src_nat.pdbx_end_seq_num           ? 
_entity_src_nat.common_name                'eastern green mamba' 
_entity_src_nat.pdbx_organism_scientific   'Dendroaspis angusticeps' 
_entity_src_nat.pdbx_ncbi_taxonomy_id      8618 
_entity_src_nat.genus                      Dendroaspis 
_entity_src_nat.species                    ? 
_entity_src_nat.strain                     ? 
_entity_src_nat.tissue                     ? 
_entity_src_nat.tissue_fraction            ? 
_entity_src_nat.pdbx_secretion             VENOM 
_entity_src_nat.pdbx_fragment              ? 
_entity_src_nat.pdbx_variant               ? 
_entity_src_nat.pdbx_cell_line             ? 
_entity_src_nat.pdbx_atcc                  ? 
_entity_src_nat.pdbx_cellular_location     ? 
_entity_src_nat.pdbx_organ                 ? 
_entity_src_nat.pdbx_organelle             ? 
_entity_src_nat.pdbx_cell                  ? 
_entity_src_nat.pdbx_plasmid_name          ? 
_entity_src_nat.pdbx_plasmid_details       ? 
_entity_src_nat.details                    ? 
# 
loop_
_chem_comp.id 
_chem_comp.type 
_chem_comp.mon_nstd_flag 
_chem_comp.name 
_chem_comp.pdbx_synonyms 
_chem_comp.formula 
_chem_comp.formula_weight 
ALA 'L-peptide linking' y ALANINE         ? 'C3 H7 N O2'     89.093  
ARG 'L-peptide linking' y ARGININE        ? 'C6 H15 N4 O2 1' 175.209 
ASN 'L-peptide linking' y ASPARAGINE      ? 'C4 H8 N2 O3'    132.118 
ASP 'L-peptide linking' y 'ASPARTIC ACID' ? 'C4 H7 N O4'     133.103 
CYS 'L-peptide linking' y CYSTEINE        ? 'C3 H7 N O2 S'   121.158 
GLN 'L-peptide linking' y GLUTAMINE       ? 'C5 H10 N2 O3'   146.144 
GLU 'L-peptide linking' y 'GLUTAMIC ACID' ? 'C5 H9 N O4'     147.129 
GLY 'peptide linking'   y GLYCINE         ? 'C2 H5 N O2'     75.067  
HIS 'L-peptide linking' y HISTIDINE       ? 'C6 H10 N3 O2 1' 156.162 
HOH non-polymer         . WATER           ? 'H2 O'           18.015  
ILE 'L-peptide linking' y ISOLEUCINE      ? 'C6 H13 N O2'    131.173 
LEU 'L-peptide linking' y LEUCINE         ? 'C6 H13 N O2'    131.173 
LYS 'L-peptide linking' y LYSINE          ? 'C6 H15 N2 O2 1' 147.195 
PHE 'L-peptide linking' y PHENYLALANINE   ? 'C9 H11 N O2'    165.189 
PRO 'L-peptide linking' y PROLINE         ? 'C5 H9 N O2'     115.130 
SER 'L-peptide linking' y SERINE          ? 'C3 H7 N O3'     105.093 
SO4 non-polymer         . 'SULFATE ION'   ? 'O4 S -2'        96.063  
THR 'L-peptide linking' y THREONINE       ? 'C4 H9 N O3'     119.119 
TRP 'L-peptide linking' y TRYPTOPHAN      ? 'C11 H12 N2 O2'  204.225 
TYR 'L-peptide linking' y TYROSINE        ? 'C9 H11 N O3'    181.189 
VAL 'L-peptide linking' y VALINE          ? 'C5 H11 N O2'    117.146 
# 
loop_
_pdbx_poly_seq_scheme.asym_id 
_pdbx_poly_seq_scheme.entity_id 
_pdbx_poly_seq_scheme.seq_id 
_pdbx_poly_seq_scheme.mon_id 
_pdbx_poly_seq_scheme.ndb_seq_num 
_pdbx_poly_seq_scheme.pdb_seq_num 
_pdbx_poly_seq_scheme.auth_seq_num 
_pdbx_poly_seq_scheme.pdb_mon_id 
_pdbx_poly_seq_scheme.auth_mon_id 
_pdbx_poly_seq_scheme.pdb_strand_id 
_pdbx_poly_seq_scheme.pdb_ins_code 
_pdbx_poly_seq_scheme.hetero 
A 1 1  LEU 1  1  1  LEU LEU A . n 
A 1 2  THR 2  2  2  THR THR A . n 
A 1 3  CYS 3  3  3  CYS CYS A . n 
A 1 4  VAL 4  4  4  VAL VAL A . n 
A 1 5  THR 5  5  5  THR THR A . n 
A 1 6  THR 6  6  6  THR THR A . n 
A 1 7  LYS 7  7  7  LYS LYS A . n 
A 1 8  SER 8  8  8  SER SER A . n 
A 1 9  ILE 9  9  9  ILE ILE A . n 
A 1 10 GLY 10 10 10 GLY GLY A . n 
A 1 11 GLY 11 11 11 GLY GLY A . n 
A 1 12 VAL 12 12 12 VAL VAL A . n 
A 1 13 THR 13 13 13 THR THR A . n 
A 1 14 THR 14 14 14 THR THR A . n 
A 1 15 GLU 15 15 15 GLU GLU A . n 
A 1 16 ASP 16 16 16 ASP ASP A . n 
A 1 17 CYS 17 17 17 CYS CYS A . n 
A 1 18 PRO 18 18 18 PRO PRO A . n 
A 1 19 ALA 19 19 19 ALA ALA A . n 
A 1 20 GLY 20 20 20 GLY GLY A . n 
A 1 21 GLN 21 21 21 GLN GLN A . n 
A 1 22 ASN 22 22 22 ASN ASN A . n 
A 1 23 VAL 23 23 23 VAL VAL A . n 
A 1 24 CYS 24 24 24 CYS CYS A . n 
A 1 25 PHE 25 25 25 PHE PHE A . n 
A 1 26 LYS 26 26 26 LYS LYS A . n 
A 1 27 ARG 27 27 27 ARG ARG A . n 
A 1 28 TRP 28 28 28 TRP TRP A . n 
A 1 29 HIS 29 29 29 HIS HIS A . n 
A 1 30 TYR 30 30 30 TYR TYR A . n 
A 1 31 VAL 31 31 31 VAL VAL A . n 
A 1 32 THR 32 32 32 THR THR A . n 
A 1 33 PRO 33 33 33 PRO PRO A . n 
A 1 34 LYS 34 34 34 LYS LYS A . n 
A 1 35 ASN 35 35 35 ASN ASN A . n 
A 1 36 TYR 36 36 36 TYR TYR A . n 
A 1 37 ASP 37 37 37 ASP ASP A . n 
A 1 38 ILE 38 38 38 ILE ILE A . n 
A 1 39 ILE 39 39 39 ILE ILE A . n 
A 1 40 LYS 40 40 40 LYS LYS A . n 
A 1 41 GLY 41 41 41 GLY GLY A . n 
A 1 42 CYS 42 42 42 CYS CYS A . n 
A 1 43 ALA 43 43 43 ALA ALA A . n 
A 1 44 ALA 44 44 44 ALA ALA A . n 
A 1 45 THR 45 45 45 THR THR A . n 
A 1 46 CYS 46 46 46 CYS CYS A . n 
A 1 47 PRO 47 47 47 PRO PRO A . n 
A 1 48 LYS 48 48 48 LYS LYS A . n 
A 1 49 VAL 49 49 49 VAL VAL A . n 
A 1 50 ASP 50 50 50 ASP ASP A . n 
A 1 51 ASN 51 51 51 ASN ASN A . n 
A 1 52 ASN 52 52 52 ASN ASN A . n 
A 1 53 ASP 53 53 53 ASP ASP A . n 
A 1 54 PRO 54 54 54 PRO PRO A . n 
A 1 55 ILE 55 55 55 ILE ILE A . n 
A 1 56 ARG 56 56 56 ARG ARG A . n 
A 1 57 CYS 57 57 57 CYS CYS A . n 
A 1 58 CYS 58 58 58 CYS CYS A . n 
A 1 59 GLY 59 59 59 GLY GLY A . n 
A 1 60 THR 60 60 60 THR THR A . n 
A 1 61 ASP 61 61 61 ASP ASP A . n 
A 1 62 LYS 62 62 62 LYS LYS A . n 
A 1 63 CYS 63 63 63 CYS CYS A . n 
A 1 64 ASN 64 64 64 ASN ASN A . n 
A 1 65 ASP 65 65 65 ASP ASP A . n 
# 
loop_
_pdbx_nonpoly_scheme.asym_id 
_pdbx_nonpoly_scheme.entity_id 
_pdbx_nonpoly_scheme.mon_id 
_pdbx_nonpoly_scheme.ndb_seq_num 
_pdbx_nonpoly_scheme.pdb_seq_num 
_pdbx_nonpoly_scheme.auth_seq_num 
_pdbx_nonpoly_scheme.pdb_mon_id 
_pdbx_nonpoly_scheme.auth_mon_id 
_pdbx_nonpoly_scheme.pdb_strand_id 
_pdbx_nonpoly_scheme.pdb_ins_code 
B 2 SO4 1  201 201 SO4 SUL A . 
C 3 HOH 1  101 101 HOH HOH A . 
C 3 HOH 2  102 102 HOH HOH A . 
C 3 HOH 3  103 103 HOH HOH A . 
C 3 HOH 4  104 104 HOH HOH A . 
C 3 HOH 5  105 105 HOH HOH A . 
C 3 HOH 6  106 106 HOH HOH A . 
C 3 HOH 7  107 107 HOH HOH A . 
C 3 HOH 8  108 108 HOH HOH A . 
C 3 HOH 9  109 109 HOH HOH A . 
C 3 HOH 10 110 110 HOH HOH A . 
C 3 HOH 11 112 112 HOH HOH A . 
C 3 HOH 12 113 113 HOH HOH A . 
C 3 HOH 13 114 114 HOH HOH A . 
C 3 HOH 14 115 115 HOH HOH A . 
C 3 HOH 15 116 116 HOH HOH A . 
C 3 HOH 16 117 117 HOH HOH A . 
C 3 HOH 17 118 118 HOH HOH A . 
C 3 HOH 18 119 119 HOH HOH A . 
C 3 HOH 19 120 120 HOH HOH A . 
C 3 HOH 20 121 121 HOH HOH A . 
C 3 HOH 21 122 122 HOH HOH A . 
C 3 HOH 22 123 123 HOH HOH A . 
C 3 HOH 23 124 124 HOH HOH A . 
C 3 HOH 24 125 125 HOH HOH A . 
C 3 HOH 25 127 127 HOH HOH A . 
C 3 HOH 26 128 128 HOH HOH A . 
C 3 HOH 27 129 129 HOH HOH A . 
C 3 HOH 28 130 130 HOH HOH A . 
C 3 HOH 29 131 131 HOH HOH A . 
C 3 HOH 30 132 132 HOH HOH A . 
C 3 HOH 31 133 133 HOH HOH A . 
C 3 HOH 32 134 134 HOH HOH A . 
C 3 HOH 33 135 135 HOH HOH A . 
C 3 HOH 34 136 136 HOH HOH A . 
C 3 HOH 35 137 137 HOH HOH A . 
C 3 HOH 36 139 139 HOH HOH A . 
C 3 HOH 37 140 140 HOH HOH A . 
C 3 HOH 38 141 141 HOH HOH A . 
C 3 HOH 39 142 142 HOH HOH A . 
C 3 HOH 40 143 143 HOH HOH A . 
C 3 HOH 41 144 144 HOH HOH A . 
C 3 HOH 42 145 145 HOH HOH A . 
C 3 HOH 43 146 146 HOH HOH A . 
C 3 HOH 44 148 148 HOH HOH A . 
C 3 HOH 45 149 149 HOH HOH A . 
C 3 HOH 46 150 150 HOH HOH A . 
C 3 HOH 47 151 151 HOH HOH A . 
C 3 HOH 48 152 152 HOH HOH A . 
C 3 HOH 49 154 154 HOH HOH A . 
C 3 HOH 50 155 155 HOH HOH A . 
C 3 HOH 51 156 156 HOH HOH A . 
C 3 HOH 52 157 157 HOH HOH A . 
C 3 HOH 53 158 158 HOH HOH A . 
C 3 HOH 54 159 159 HOH HOH A . 
C 3 HOH 55 160 160 HOH HOH A . 
C 3 HOH 56 161 161 HOH HOH A . 
C 3 HOH 57 162 162 HOH HOH A . 
C 3 HOH 58 163 163 HOH HOH A . 
C 3 HOH 59 164 164 HOH HOH A . 
C 3 HOH 60 165 165 HOH HOH A . 
C 3 HOH 61 166 166 HOH HOH A . 
C 3 HOH 62 167 167 HOH HOH A . 
C 3 HOH 63 168 168 HOH HOH A . 
C 3 HOH 64 170 170 HOH HOH A . 
C 3 HOH 65 173 173 HOH HOH A . 
C 3 HOH 66 175 175 HOH HOH A . 
C 3 HOH 67 176 176 HOH HOH A . 
C 3 HOH 68 177 177 HOH HOH A . 
C 3 HOH 69 178 178 HOH HOH A . 
C 3 HOH 70 179 179 HOH HOH A . 
C 3 HOH 71 180 180 HOH HOH A . 
C 3 HOH 72 181 181 HOH HOH A . 
C 3 HOH 73 182 182 HOH HOH A . 
C 3 HOH 74 183 183 HOH HOH A . 
C 3 HOH 75 184 184 HOH HOH A . 
C 3 HOH 76 185 185 HOH HOH A . 
C 3 HOH 77 188 188 HOH HOH A . 
# 
loop_
_software.name 
_software.classification 
_software.version 
_software.citation_id 
_software.pdbx_ordinal 
DENZO     'data reduction' .   ? 1 
SCALEPACK 'data scaling'   .   ? 2 
AMoRE     phasing          .   ? 3 
X-PLOR    refinement       3.1 ? 4 
# 
_cell.entry_id           1FF4 
_cell.length_a           63.000 
_cell.length_b           63.000 
_cell.length_c           37.000 
_cell.angle_alpha        90.00 
_cell.angle_beta         90.00 
_cell.angle_gamma        120.00 
_cell.Z_PDB              6 
_cell.pdbx_unique_axis   ? 
# 
_symmetry.entry_id                         1FF4 
_symmetry.space_group_name_H-M             'P 32 2 1' 
_symmetry.pdbx_full_space_group_name_H-M   ? 
_symmetry.cell_setting                     ? 
_symmetry.Int_Tables_number                154 
# 
_exptl.entry_id          1FF4 
_exptl.method            'X-RAY DIFFRACTION' 
_exptl.crystals_number   1 
# 
_exptl_crystal.id                    1 
_exptl_crystal.density_meas          ? 
_exptl_crystal.density_percent_sol   58.82 
_exptl_crystal.density_Matthews      2.99 
_exptl_crystal.description           ? 
# 
_exptl_crystal_grow.crystal_id      1 
_exptl_crystal_grow.method          'VAPOR DIFFUSION' 
_exptl_crystal_grow.pH              4.5 
_exptl_crystal_grow.temp            293.0 
_exptl_crystal_grow.temp_details    ? 
_exptl_crystal_grow.pdbx_details    'Ammonium Sulfate, Tampon sodium acetate, pH 4.5, VAPOR DIFFUSION, temperature 20K' 
_exptl_crystal_grow.pdbx_pH_range   ? 
# 
_diffrn.id                     1 
_diffrn.ambient_temp           298 
_diffrn.ambient_temp_details   ? 
_diffrn.crystal_id             1 
# 
_diffrn_detector.diffrn_id              1 
_diffrn_detector.detector               'IMAGE PLATE' 
_diffrn_detector.type                   MARRESEARCH 
_diffrn_detector.pdbx_collection_date   1997-02-28 
_diffrn_detector.details                ? 
# 
_diffrn_radiation.diffrn_id                        1 
_diffrn_radiation.wavelength_id                    1 
_diffrn_radiation.monochromator                    ? 
_diffrn_radiation.pdbx_monochromatic_or_laue_m_l   M 
_diffrn_radiation.pdbx_diffrn_protocol             'SINGLE WAVELENGTH' 
_diffrn_radiation.pdbx_scattering_type             x-ray 
# 
_diffrn_radiation_wavelength.id           1 
_diffrn_radiation_wavelength.wavelength   1.54 
_diffrn_radiation_wavelength.wt           1.0 
# 
_diffrn_source.diffrn_id                   1 
_diffrn_source.source                      'ROTATING ANODE' 
_diffrn_source.type                        'RIGAKU RU200' 
_diffrn_source.pdbx_wavelength             1.54 
_diffrn_source.pdbx_synchrotron_site       ? 
_diffrn_source.pdbx_synchrotron_beamline   ? 
_diffrn_source.pdbx_wavelength_list        ? 
# 
_reflns.entry_id                     1FF4 
_reflns.observed_criterion_sigma_I   0 
_reflns.observed_criterion_sigma_F   2 
_reflns.d_resolution_low             50 
_reflns.d_resolution_high            1.5 
_reflns.number_obs                   108000 
_reflns.number_all                   13168 
_reflns.percent_possible_obs         92.5 
_reflns.pdbx_Rmerge_I_obs            0.046 
_reflns.pdbx_Rsym_value              ? 
_reflns.pdbx_netI_over_sigmaI        30 
_reflns.B_iso_Wilson_estimate        19.3 
_reflns.pdbx_redundancy              8 
_reflns.R_free_details               ? 
_reflns.limit_h_max                  ? 
_reflns.limit_h_min                  ? 
_reflns.limit_k_max                  ? 
_reflns.limit_k_min                  ? 
_reflns.limit_l_max                  ? 
_reflns.limit_l_min                  ? 
_reflns.observed_criterion_F_max     ? 
_reflns.observed_criterion_F_min     ? 
_reflns.pdbx_ordinal                 1 
_reflns.pdbx_diffrn_id               1 
# 
_reflns_shell.d_res_high             1.50 
_reflns_shell.d_res_low              1.55 
_reflns_shell.percent_possible_obs   ? 
_reflns_shell.percent_possible_all   93.5 
_reflns_shell.Rmerge_I_obs           0.488 
_reflns_shell.meanI_over_sigI_obs    ? 
_reflns_shell.pdbx_Rsym_value        ? 
_reflns_shell.pdbx_redundancy        4 
_reflns_shell.number_unique_all      ? 
_reflns_shell.pdbx_ordinal           1 
_reflns_shell.pdbx_diffrn_id         1 
# 
_refine.entry_id                                 1FF4 
_refine.ls_number_reflns_obs                     13168 
_refine.ls_number_reflns_all                     12710 
_refine.pdbx_ls_sigma_I                          0.0 
_refine.pdbx_ls_sigma_F                          2.0 
_refine.pdbx_data_cutoff_high_absF               ? 
_refine.pdbx_data_cutoff_low_absF                ? 
_refine.ls_d_res_low                             8.0 
_refine.ls_d_res_high                            1.50 
_refine.ls_percent_reflns_obs                    5 
_refine.ls_R_factor_obs                          0.21 
_refine.ls_R_factor_all                          0.21 
_refine.ls_R_factor_R_work                       0.205 
_refine.ls_R_factor_R_free                       0.244 
_refine.ls_R_factor_R_free_error                 ? 
_refine.ls_R_factor_R_free_error_details         ? 
_refine.ls_percent_reflns_R_free                 ? 
_refine.ls_number_reflns_R_free                  642 
_refine.ls_number_parameters                     ? 
_refine.ls_number_restraints                     ? 
_refine.occupancy_min                            ? 
_refine.occupancy_max                            ? 
_refine.B_iso_mean                               ? 
_refine.aniso_B[1][1]                            ? 
_refine.aniso_B[2][2]                            ? 
_refine.aniso_B[3][3]                            ? 
_refine.aniso_B[1][2]                            ? 
_refine.aniso_B[1][3]                            ? 
_refine.aniso_B[2][3]                            ? 
_refine.solvent_model_details                    ? 
_refine.solvent_model_param_ksol                 ? 
_refine.solvent_model_param_bsol                 ? 
_refine.pdbx_ls_cross_valid_method               ? 
_refine.details                                  'used simulated annealing procedure' 
_refine.pdbx_starting_model                      ? 
_refine.pdbx_method_to_determine_struct          ? 
_refine.pdbx_isotropic_thermal_model             ? 
_refine.pdbx_stereochemistry_target_values       xplor 
_refine.pdbx_stereochem_target_val_spec_case     ? 
_refine.pdbx_R_Free_selection_details            random 
_refine.pdbx_overall_ESU_R_Free                  ? 
_refine.overall_SU_B                             ? 
_refine.ls_redundancy_reflns_obs                 ? 
_refine.B_iso_min                                ? 
_refine.B_iso_max                                ? 
_refine.overall_SU_ML                            ? 
_refine.pdbx_overall_ESU_R                       ? 
_refine.pdbx_data_cutoff_high_rms_absF           ? 
_refine.correlation_coeff_Fo_to_Fc               ? 
_refine.correlation_coeff_Fo_to_Fc_free          ? 
_refine.pdbx_solvent_vdw_probe_radii             ? 
_refine.pdbx_solvent_ion_probe_radii             ? 
_refine.pdbx_solvent_shrinkage_radii             ? 
_refine.overall_SU_R_Cruickshank_DPI             ? 
_refine.overall_SU_R_free                        ? 
_refine.pdbx_refine_id                           'X-RAY DIFFRACTION' 
_refine.pdbx_diffrn_id                           1 
_refine.pdbx_TLS_residual_ADP_flag               ? 
_refine.pdbx_overall_phase_error                 ? 
_refine.pdbx_overall_SU_R_free_Cruickshank_DPI   ? 
_refine.pdbx_overall_SU_R_Blow_DPI               ? 
_refine.pdbx_overall_SU_R_free_Blow_DPI          ? 
# 
_refine_hist.pdbx_refine_id                   'X-RAY DIFFRACTION' 
_refine_hist.cycle_id                         LAST 
_refine_hist.pdbx_number_atoms_protein        490 
_refine_hist.pdbx_number_atoms_nucleic_acid   0 
_refine_hist.pdbx_number_atoms_ligand         5 
_refine_hist.number_atoms_solvent             77 
_refine_hist.number_atoms_total               572 
_refine_hist.d_res_high                       1.50 
_refine_hist.d_res_low                        8.0 
# 
loop_
_refine_ls_restr.type 
_refine_ls_restr.dev_ideal 
_refine_ls_restr.dev_ideal_target 
_refine_ls_restr.weight 
_refine_ls_restr.number 
_refine_ls_restr.pdbx_refine_id 
_refine_ls_restr.pdbx_restraint_function 
x_bond_d           0.015 ? ? ? 'X-RAY DIFFRACTION' ? 
x_angle_deg        2.595 ? ? ? 'X-RAY DIFFRACTION' ? 
x_torsion_impr_deg 1.493 ? ? ? 'X-RAY DIFFRACTION' ? 
# 
_struct.entry_id                  1FF4 
_struct.title                     'X-RAY STRUCTURE OF MUSCARINIC TOXIN 2 AT 1.5 ANGSTROM RESOLUTION' 
_struct.pdbx_model_details        ? 
_struct.pdbx_CASP_flag            ? 
_struct.pdbx_model_type_details   ? 
# 
_struct_keywords.entry_id        1FF4 
_struct_keywords.pdbx_keywords   TOXIN 
_struct_keywords.text            'three fingers motif, TOXIN' 
# 
loop_
_struct_asym.id 
_struct_asym.pdbx_blank_PDB_chainid_flag 
_struct_asym.pdbx_modified 
_struct_asym.entity_id 
_struct_asym.details 
A N N 1 ? 
B N N 2 ? 
C N N 3 ? 
# 
_struct_ref.id                         1 
_struct_ref.db_code                    TXM2_DENAN 
_struct_ref.db_name                    UNP 
_struct_ref.entity_id                  1 
_struct_ref.pdbx_db_accession          P18328 
_struct_ref.pdbx_align_begin           1 
_struct_ref.pdbx_seq_one_letter_code   LTCVTTKSIGGVTTEDCPAGQNVCFKRWHYVTPKNYDIIKGCAATCPKVDNNDPIRCCGTDKCND 
_struct_ref.pdbx_db_isoform            ? 
# 
_struct_ref_seq.align_id                      1 
_struct_ref_seq.ref_id                        1 
_struct_ref_seq.pdbx_PDB_id_code              1FF4 
_struct_ref_seq.pdbx_strand_id                A 
_struct_ref_seq.seq_align_beg                 1 
_struct_ref_seq.pdbx_seq_align_beg_ins_code   ? 
_struct_ref_seq.seq_align_end                 65 
_struct_ref_seq.pdbx_seq_align_end_ins_code   ? 
_struct_ref_seq.pdbx_db_accession             P18328 
_struct_ref_seq.db_align_beg                  1 
_struct_ref_seq.pdbx_db_align_beg_ins_code    ? 
_struct_ref_seq.db_align_end                  65 
_struct_ref_seq.pdbx_db_align_end_ins_code    ? 
_struct_ref_seq.pdbx_auth_seq_align_beg       1 
_struct_ref_seq.pdbx_auth_seq_align_end       65 
# 
loop_
_pdbx_struct_assembly.id 
_pdbx_struct_assembly.details 
_pdbx_struct_assembly.method_details 
_pdbx_struct_assembly.oligomeric_details 
_pdbx_struct_assembly.oligomeric_count 
1 author_defined_assembly   ?        dimeric 2 
2 software_defined_assembly PISA,PQS dimeric 2 
# 
loop_
_pdbx_struct_assembly_prop.biol_id 
_pdbx_struct_assembly_prop.type 
_pdbx_struct_assembly_prop.value 
_pdbx_struct_assembly_prop.details 
2 'ABSA (A^2)' 1690 ? 
2 MORE         -42  ? 
2 'SSA (A^2)'  7160 ? 
# 
loop_
_pdbx_struct_assembly_gen.assembly_id 
_pdbx_struct_assembly_gen.oper_expression 
_pdbx_struct_assembly_gen.asym_id_list 
1 1,2 A,B,C 
2 1,3 A,B,C 
# 
loop_
_pdbx_struct_oper_list.id 
_pdbx_struct_oper_list.type 
_pdbx_struct_oper_list.name 
_pdbx_struct_oper_list.symmetry_operation 
_pdbx_struct_oper_list.matrix[1][1] 
_pdbx_struct_oper_list.matrix[1][2] 
_pdbx_struct_oper_list.matrix[1][3] 
_pdbx_struct_oper_list.vector[1] 
_pdbx_struct_oper_list.matrix[2][1] 
_pdbx_struct_oper_list.matrix[2][2] 
_pdbx_struct_oper_list.matrix[2][3] 
_pdbx_struct_oper_list.vector[2] 
_pdbx_struct_oper_list.matrix[3][1] 
_pdbx_struct_oper_list.matrix[3][2] 
_pdbx_struct_oper_list.matrix[3][3] 
_pdbx_struct_oper_list.vector[3] 
1 'identity operation'         1_555 x,y,z              1.0000000000  0.0000000000  0.0000000000  0.0000000000   0.0000000000  1.0000000000  0.0000000000  0.0000000000  0.0000000000  0.0000000000  1.0000000000  0.0000000000   
2 'crystal symmetry operation' 2_654 -y+1,x-y,z-1/3     -0.4287066512 -0.5414534808 -0.7232141697 5.0738964187   -0.0717069267 0.8183757387  -0.5701923070 17.0194612016 0.9005935398  -0.1925857690 -0.3896690875 9.2782711271   
3 'crystal symmetry operation' 6_765 -x+2,-x+y+1,-z+2/3 0.4362921109  0.0745949888  -0.8967077459 -11.2784213951 0.0745949888  -0.9961258491 -0.0465712398 -1.2519291930 -0.8967077459 -0.0465712398 -0.4401662618 -18.1692367341  
# 
_struct_biol.id                    1 
_struct_biol.details               
;The biological assembly is a dimer constructed 
by crystallographic two-fold symmetry
;
_struct_biol.pdbx_parent_biol_id   ? 
# 
loop_
_struct_conn.id 
_struct_conn.conn_type_id 
_struct_conn.pdbx_leaving_atom_flag 
_struct_conn.pdbx_PDB_id 
_struct_conn.ptnr1_label_asym_id 
_struct_conn.ptnr1_label_comp_id 
_struct_conn.ptnr1_label_seq_id 
_struct_conn.ptnr1_label_atom_id 
_struct_conn.pdbx_ptnr1_label_alt_id 
_struct_conn.pdbx_ptnr1_PDB_ins_code 
_struct_conn.pdbx_ptnr1_standard_comp_id 
_struct_conn.ptnr1_symmetry 
_struct_conn.ptnr2_label_asym_id 
_struct_conn.ptnr2_label_comp_id 
_struct_conn.ptnr2_label_seq_id 
_struct_conn.ptnr2_label_atom_id 
_struct_conn.pdbx_ptnr2_label_alt_id 
_struct_conn.pdbx_ptnr2_PDB_ins_code 
_struct_conn.ptnr1_auth_asym_id 
_struct_conn.ptnr1_auth_comp_id 
_struct_conn.ptnr1_auth_seq_id 
_struct_conn.ptnr2_auth_asym_id 
_struct_conn.ptnr2_auth_comp_id 
_struct_conn.ptnr2_auth_seq_id 
_struct_conn.ptnr2_symmetry 
_struct_conn.pdbx_ptnr3_label_atom_id 
_struct_conn.pdbx_ptnr3_label_seq_id 
_struct_conn.pdbx_ptnr3_label_comp_id 
_struct_conn.pdbx_ptnr3_label_asym_id 
_struct_conn.pdbx_ptnr3_label_alt_id 
_struct_conn.pdbx_ptnr3_PDB_ins_code 
_struct_conn.details 
_struct_conn.pdbx_dist_value 
_struct_conn.pdbx_value_order 
_struct_conn.pdbx_role 
disulf1 disulf ? ? A CYS 3  SG ? ? ? 1_555 A CYS 24 SG ? ? A CYS 3  A CYS 24 1_555 ? ? ? ? ? ? ? 2.027 ? ? 
disulf2 disulf ? ? A CYS 17 SG ? ? ? 1_555 A CYS 42 SG ? ? A CYS 17 A CYS 42 1_555 ? ? ? ? ? ? ? 2.028 ? ? 
disulf3 disulf ? ? A CYS 46 SG ? ? ? 1_555 A CYS 57 SG ? ? A CYS 46 A CYS 57 1_555 ? ? ? ? ? ? ? 2.016 ? ? 
disulf4 disulf ? ? A CYS 58 SG ? ? ? 1_555 A CYS 63 SG ? ? A CYS 58 A CYS 63 1_555 ? ? ? ? ? ? ? 2.024 ? ? 
# 
_struct_conn_type.id          disulf 
_struct_conn_type.criteria    ? 
_struct_conn_type.reference   ? 
# 
loop_
_pdbx_modification_feature.ordinal 
_pdbx_modification_feature.label_comp_id 
_pdbx_modification_feature.label_asym_id 
_pdbx_modification_feature.label_seq_id 
_pdbx_modification_feature.label_alt_id 
_pdbx_modification_feature.modified_residue_label_comp_id 
_pdbx_modification_feature.modified_residue_label_asym_id 
_pdbx_modification_feature.modified_residue_label_seq_id 
_pdbx_modification_feature.modified_residue_label_alt_id 
_pdbx_modification_feature.auth_comp_id 
_pdbx_modification_feature.auth_asym_id 
_pdbx_modification_feature.auth_seq_id 
_pdbx_modification_feature.PDB_ins_code 
_pdbx_modification_feature.symmetry 
_pdbx_modification_feature.modified_residue_auth_comp_id 
_pdbx_modification_feature.modified_residue_auth_asym_id 
_pdbx_modification_feature.modified_residue_auth_seq_id 
_pdbx_modification_feature.modified_residue_PDB_ins_code 
_pdbx_modification_feature.modified_residue_symmetry 
_pdbx_modification_feature.comp_id_linking_atom 
_pdbx_modification_feature.modified_residue_id_linking_atom 
_pdbx_modification_feature.modified_residue_id 
_pdbx_modification_feature.ref_pcm_id 
_pdbx_modification_feature.ref_comp_id 
_pdbx_modification_feature.type 
_pdbx_modification_feature.category 
1 CYS A 3  ? CYS A 24 ? CYS A 3  ? 1_555 CYS A 24 ? 1_555 SG SG . . . None 'Disulfide bridge' 
2 CYS A 17 ? CYS A 42 ? CYS A 17 ? 1_555 CYS A 42 ? 1_555 SG SG . . . None 'Disulfide bridge' 
3 CYS A 46 ? CYS A 57 ? CYS A 46 ? 1_555 CYS A 57 ? 1_555 SG SG . . . None 'Disulfide bridge' 
4 CYS A 58 ? CYS A 63 ? CYS A 58 ? 1_555 CYS A 63 ? 1_555 SG SG . . . None 'Disulfide bridge' 
# 
loop_
_struct_sheet.id 
_struct_sheet.type 
_struct_sheet.number_strands 
_struct_sheet.details 
A ? 2 ? 
B ? 3 ? 
# 
loop_
_struct_sheet_range.sheet_id 
_struct_sheet_range.id 
_struct_sheet_range.beg_label_comp_id 
_struct_sheet_range.beg_label_asym_id 
_struct_sheet_range.beg_label_seq_id 
_struct_sheet_range.pdbx_beg_PDB_ins_code 
_struct_sheet_range.end_label_comp_id 
_struct_sheet_range.end_label_asym_id 
_struct_sheet_range.end_label_seq_id 
_struct_sheet_range.pdbx_end_PDB_ins_code 
_struct_sheet_range.beg_auth_comp_id 
_struct_sheet_range.beg_auth_asym_id 
_struct_sheet_range.beg_auth_seq_id 
_struct_sheet_range.end_auth_comp_id 
_struct_sheet_range.end_auth_asym_id 
_struct_sheet_range.end_auth_seq_id 
A 1 CYS A 3  ? THR A 5  ? CYS A 3  THR A 5  
A 2 THR A 13 ? GLU A 15 ? THR A 13 GLU A 15 
B 1 ASP A 37 ? GLY A 41 ? ASP A 37 GLY A 41 
B 2 PHE A 25 ? HIS A 29 ? PHE A 25 HIS A 29 
B 3 PRO A 54 ? CYS A 58 ? PRO A 54 CYS A 58 
# 
_struct_site.id                   AC1 
_struct_site.pdbx_evidence_code   Software 
_struct_site.pdbx_auth_asym_id    A 
_struct_site.pdbx_auth_comp_id    SO4 
_struct_site.pdbx_auth_seq_id     201 
_struct_site.pdbx_auth_ins_code   ? 
_struct_site.pdbx_num_residues    8 
_struct_site.details              'BINDING SITE FOR RESIDUE SO4 A 201' 
# 
loop_
_struct_site_gen.id 
_struct_site_gen.site_id 
_struct_site_gen.pdbx_num_res 
_struct_site_gen.label_comp_id 
_struct_site_gen.label_asym_id 
_struct_site_gen.label_seq_id 
_struct_site_gen.pdbx_auth_ins_code 
_struct_site_gen.auth_comp_id 
_struct_site_gen.auth_asym_id 
_struct_site_gen.auth_seq_id 
_struct_site_gen.label_atom_id 
_struct_site_gen.label_alt_id 
_struct_site_gen.symmetry 
_struct_site_gen.details 
1 AC1 8 LYS A 26 ? LYS A 26  . ? 6_765 ? 
2 AC1 8 TRP A 28 ? TRP A 28  . ? 6_765 ? 
3 AC1 8 TRP A 28 ? TRP A 28  . ? 1_555 ? 
4 AC1 8 TYR A 36 ? TYR A 36  . ? 1_555 ? 
5 AC1 8 ILE A 38 ? ILE A 38  . ? 6_765 ? 
6 AC1 8 HOH C .  ? HOH A 157 . ? 6_765 ? 
7 AC1 8 HOH C .  ? HOH A 178 . ? 6_765 ? 
8 AC1 8 HOH C .  ? HOH A 178 . ? 1_555 ? 
# 
_pdbx_entry_details.entry_id                   1FF4 
_pdbx_entry_details.compound_details           ? 
_pdbx_entry_details.source_details             ? 
_pdbx_entry_details.nonpolymer_details         ? 
_pdbx_entry_details.sequence_details           ? 
_pdbx_entry_details.has_ligand_of_interest     ? 
_pdbx_entry_details.has_protein_modification   Y 
# 
_pdbx_validate_torsion.id              1 
_pdbx_validate_torsion.PDB_model_num   1 
_pdbx_validate_torsion.auth_comp_id    THR 
_pdbx_validate_torsion.auth_asym_id    A 
_pdbx_validate_torsion.auth_seq_id     13 
_pdbx_validate_torsion.PDB_ins_code    ? 
_pdbx_validate_torsion.label_alt_id    ? 
_pdbx_validate_torsion.phi             -127.27 
_pdbx_validate_torsion.psi             -161.56 
# 
loop_
_chem_comp_atom.comp_id 
_chem_comp_atom.atom_id 
_chem_comp_atom.type_symbol 
_chem_comp_atom.pdbx_aromatic_flag 
_chem_comp_atom.pdbx_stereo_config 
_chem_comp_atom.pdbx_ordinal 
ALA N    N N N 1   
ALA CA   C N S 2   
ALA C    C N N 3   
ALA O    O N N 4   
ALA CB   C N N 5   
ALA OXT  O N N 6   
ALA H    H N N 7   
ALA H2   H N N 8   
ALA HA   H N N 9   
ALA HB1  H N N 10  
ALA HB2  H N N 11  
ALA HB3  H N N 12  
ALA HXT  H N N 13  
ARG N    N N N 14  
ARG CA   C N S 15  
ARG C    C N N 16  
ARG O    O N N 17  
ARG CB   C N N 18  
ARG CG   C N N 19  
ARG CD   C N N 20  
ARG NE   N N N 21  
ARG CZ   C N N 22  
ARG NH1  N N N 23  
ARG NH2  N N N 24  
ARG OXT  O N N 25  
ARG H    H N N 26  
ARG H2   H N N 27  
ARG HA   H N N 28  
ARG HB2  H N N 29  
ARG HB3  H N N 30  
ARG HG2  H N N 31  
ARG HG3  H N N 32  
ARG HD2  H N N 33  
ARG HD3  H N N 34  
ARG HE   H N N 35  
ARG HH11 H N N 36  
ARG HH12 H N N 37  
ARG HH21 H N N 38  
ARG HH22 H N N 39  
ARG HXT  H N N 40  
ASN N    N N N 41  
ASN CA   C N S 42  
ASN C    C N N 43  
ASN O    O N N 44  
ASN CB   C N N 45  
ASN CG   C N N 46  
ASN OD1  O N N 47  
ASN ND2  N N N 48  
ASN OXT  O N N 49  
ASN H    H N N 50  
ASN H2   H N N 51  
ASN HA   H N N 52  
ASN HB2  H N N 53  
ASN HB3  H N N 54  
ASN HD21 H N N 55  
ASN HD22 H N N 56  
ASN HXT  H N N 57  
ASP N    N N N 58  
ASP CA   C N S 59  
ASP C    C N N 60  
ASP O    O N N 61  
ASP CB   C N N 62  
ASP CG   C N N 63  
ASP OD1  O N N 64  
ASP OD2  O N N 65  
ASP OXT  O N N 66  
ASP H    H N N 67  
ASP H2   H N N 68  
ASP HA   H N N 69  
ASP HB2  H N N 70  
ASP HB3  H N N 71  
ASP HD2  H N N 72  
ASP HXT  H N N 73  
CYS N    N N N 74  
CYS CA   C N R 75  
CYS C    C N N 76  
CYS O    O N N 77  
CYS CB   C N N 78  
CYS SG   S N N 79  
CYS OXT  O N N 80  
CYS H    H N N 81  
CYS H2   H N N 82  
CYS HA   H N N 83  
CYS HB2  H N N 84  
CYS HB3  H N N 85  
CYS HG   H N N 86  
CYS HXT  H N N 87  
GLN N    N N N 88  
GLN CA   C N S 89  
GLN C    C N N 90  
GLN O    O N N 91  
GLN CB   C N N 92  
GLN CG   C N N 93  
GLN CD   C N N 94  
GLN OE1  O N N 95  
GLN NE2  N N N 96  
GLN OXT  O N N 97  
GLN H    H N N 98  
GLN H2   H N N 99  
GLN HA   H N N 100 
GLN HB2  H N N 101 
GLN HB3  H N N 102 
GLN HG2  H N N 103 
GLN HG3  H N N 104 
GLN HE21 H N N 105 
GLN HE22 H N N 106 
GLN HXT  H N N 107 
GLU N    N N N 108 
GLU CA   C N S 109 
GLU C    C N N 110 
GLU O    O N N 111 
GLU CB   C N N 112 
GLU CG   C N N 113 
GLU CD   C N N 114 
GLU OE1  O N N 115 
GLU OE2  O N N 116 
GLU OXT  O N N 117 
GLU H    H N N 118 
GLU H2   H N N 119 
GLU HA   H N N 120 
GLU HB2  H N N 121 
GLU HB3  H N N 122 
GLU HG2  H N N 123 
GLU HG3  H N N 124 
GLU HE2  H N N 125 
GLU HXT  H N N 126 
GLY N    N N N 127 
GLY CA   C N N 128 
GLY C    C N N 129 
GLY O    O N N 130 
GLY OXT  O N N 131 
GLY H    H N N 132 
GLY H2   H N N 133 
GLY HA2  H N N 134 
GLY HA3  H N N 135 
GLY HXT  H N N 136 
HIS N    N N N 137 
HIS CA   C N S 138 
HIS C    C N N 139 
HIS O    O N N 140 
HIS CB   C N N 141 
HIS CG   C Y N 142 
HIS ND1  N Y N 143 
HIS CD2  C Y N 144 
HIS CE1  C Y N 145 
HIS NE2  N Y N 146 
HIS OXT  O N N 147 
HIS H    H N N 148 
HIS H2   H N N 149 
HIS HA   H N N 150 
HIS HB2  H N N 151 
HIS HB3  H N N 152 
HIS HD1  H N N 153 
HIS HD2  H N N 154 
HIS HE1  H N N 155 
HIS HE2  H N N 156 
HIS HXT  H N N 157 
HOH O    O N N 158 
HOH H1   H N N 159 
HOH H2   H N N 160 
ILE N    N N N 161 
ILE CA   C N S 162 
ILE C    C N N 163 
ILE O    O N N 164 
ILE CB   C N S 165 
ILE CG1  C N N 166 
ILE CG2  C N N 167 
ILE CD1  C N N 168 
ILE OXT  O N N 169 
ILE H    H N N 170 
ILE H2   H N N 171 
ILE HA   H N N 172 
ILE HB   H N N 173 
ILE HG12 H N N 174 
ILE HG13 H N N 175 
ILE HG21 H N N 176 
ILE HG22 H N N 177 
ILE HG23 H N N 178 
ILE HD11 H N N 179 
ILE HD12 H N N 180 
ILE HD13 H N N 181 
ILE HXT  H N N 182 
LEU N    N N N 183 
LEU CA   C N S 184 
LEU C    C N N 185 
LEU O    O N N 186 
LEU CB   C N N 187 
LEU CG   C N N 188 
LEU CD1  C N N 189 
LEU CD2  C N N 190 
LEU OXT  O N N 191 
LEU H    H N N 192 
LEU H2   H N N 193 
LEU HA   H N N 194 
LEU HB2  H N N 195 
LEU HB3  H N N 196 
LEU HG   H N N 197 
LEU HD11 H N N 198 
LEU HD12 H N N 199 
LEU HD13 H N N 200 
LEU HD21 H N N 201 
LEU HD22 H N N 202 
LEU HD23 H N N 203 
LEU HXT  H N N 204 
LYS N    N N N 205 
LYS CA   C N S 206 
LYS C    C N N 207 
LYS O    O N N 208 
LYS CB   C N N 209 
LYS CG   C N N 210 
LYS CD   C N N 211 
LYS CE   C N N 212 
LYS NZ   N N N 213 
LYS OXT  O N N 214 
LYS H    H N N 215 
LYS H2   H N N 216 
LYS HA   H N N 217 
LYS HB2  H N N 218 
LYS HB3  H N N 219 
LYS HG2  H N N 220 
LYS HG3  H N N 221 
LYS HD2  H N N 222 
LYS HD3  H N N 223 
LYS HE2  H N N 224 
LYS HE3  H N N 225 
LYS HZ1  H N N 226 
LYS HZ2  H N N 227 
LYS HZ3  H N N 228 
LYS HXT  H N N 229 
PHE N    N N N 230 
PHE CA   C N S 231 
PHE C    C N N 232 
PHE O    O N N 233 
PHE CB   C N N 234 
PHE CG   C Y N 235 
PHE CD1  C Y N 236 
PHE CD2  C Y N 237 
PHE CE1  C Y N 238 
PHE CE2  C Y N 239 
PHE CZ   C Y N 240 
PHE OXT  O N N 241 
PHE H    H N N 242 
PHE H2   H N N 243 
PHE HA   H N N 244 
PHE HB2  H N N 245 
PHE HB3  H N N 246 
PHE HD1  H N N 247 
PHE HD2  H N N 248 
PHE HE1  H N N 249 
PHE HE2  H N N 250 
PHE HZ   H N N 251 
PHE HXT  H N N 252 
PRO N    N N N 253 
PRO CA   C N S 254 
PRO C    C N N 255 
PRO O    O N N 256 
PRO CB   C N N 257 
PRO CG   C N N 258 
PRO CD   C N N 259 
PRO OXT  O N N 260 
PRO H    H N N 261 
PRO HA   H N N 262 
PRO HB2  H N N 263 
PRO HB3  H N N 264 
PRO HG2  H N N 265 
PRO HG3  H N N 266 
PRO HD2  H N N 267 
PRO HD3  H N N 268 
PRO HXT  H N N 269 
SER N    N N N 270 
SER CA   C N S 271 
SER C    C N N 272 
SER O    O N N 273 
SER CB   C N N 274 
SER OG   O N N 275 
SER OXT  O N N 276 
SER H    H N N 277 
SER H2   H N N 278 
SER HA   H N N 279 
SER HB2  H N N 280 
SER HB3  H N N 281 
SER HG   H N N 282 
SER HXT  H N N 283 
SO4 S    S N N 284 
SO4 O1   O N N 285 
SO4 O2   O N N 286 
SO4 O3   O N N 287 
SO4 O4   O N N 288 
THR N    N N N 289 
THR CA   C N S 290 
THR C    C N N 291 
THR O    O N N 292 
THR CB   C N R 293 
THR OG1  O N N 294 
THR CG2  C N N 295 
THR OXT  O N N 296 
THR H    H N N 297 
THR H2   H N N 298 
THR HA   H N N 299 
THR HB   H N N 300 
THR HG1  H N N 301 
THR HG21 H N N 302 
THR HG22 H N N 303 
THR HG23 H N N 304 
THR HXT  H N N 305 
TRP N    N N N 306 
TRP CA   C N S 307 
TRP C    C N N 308 
TRP O    O N N 309 
TRP CB   C N N 310 
TRP CG   C Y N 311 
TRP CD1  C Y N 312 
TRP CD2  C Y N 313 
TRP NE1  N Y N 314 
TRP CE2  C Y N 315 
TRP CE3  C Y N 316 
TRP CZ2  C Y N 317 
TRP CZ3  C Y N 318 
TRP CH2  C Y N 319 
TRP OXT  O N N 320 
TRP H    H N N 321 
TRP H2   H N N 322 
TRP HA   H N N 323 
TRP HB2  H N N 324 
TRP HB3  H N N 325 
TRP HD1  H N N 326 
TRP HE1  H N N 327 
TRP HE3  H N N 328 
TRP HZ2  H N N 329 
TRP HZ3  H N N 330 
TRP HH2  H N N 331 
TRP HXT  H N N 332 
TYR N    N N N 333 
TYR CA   C N S 334 
TYR C    C N N 335 
TYR O    O N N 336 
TYR CB   C N N 337 
TYR CG   C Y N 338 
TYR CD1  C Y N 339 
TYR CD2  C Y N 340 
TYR CE1  C Y N 341 
TYR CE2  C Y N 342 
TYR CZ   C Y N 343 
TYR OH   O N N 344 
TYR OXT  O N N 345 
TYR H    H N N 346 
TYR H2   H N N 347 
TYR HA   H N N 348 
TYR HB2  H N N 349 
TYR HB3  H N N 350 
TYR HD1  H N N 351 
TYR HD2  H N N 352 
TYR HE1  H N N 353 
TYR HE2  H N N 354 
TYR HH   H N N 355 
TYR HXT  H N N 356 
VAL N    N N N 357 
VAL CA   C N S 358 
VAL C    C N N 359 
VAL O    O N N 360 
VAL CB   C N N 361 
VAL CG1  C N N 362 
VAL CG2  C N N 363 
VAL OXT  O N N 364 
VAL H    H N N 365 
VAL H2   H N N 366 
VAL HA   H N N 367 
VAL HB   H N N 368 
VAL HG11 H N N 369 
VAL HG12 H N N 370 
VAL HG13 H N N 371 
VAL HG21 H N N 372 
VAL HG22 H N N 373 
VAL HG23 H N N 374 
VAL HXT  H N N 375 
# 
loop_
_chem_comp_bond.comp_id 
_chem_comp_bond.atom_id_1 
_chem_comp_bond.atom_id_2 
_chem_comp_bond.value_order 
_chem_comp_bond.pdbx_aromatic_flag 
_chem_comp_bond.pdbx_stereo_config 
_chem_comp_bond.pdbx_ordinal 
ALA N   CA   sing N N 1   
ALA N   H    sing N N 2   
ALA N   H2   sing N N 3   
ALA CA  C    sing N N 4   
ALA CA  CB   sing N N 5   
ALA CA  HA   sing N N 6   
ALA C   O    doub N N 7   
ALA C   OXT  sing N N 8   
ALA CB  HB1  sing N N 9   
ALA CB  HB2  sing N N 10  
ALA CB  HB3  sing N N 11  
ALA OXT HXT  sing N N 12  
ARG N   CA   sing N N 13  
ARG N   H    sing N N 14  
ARG N   H2   sing N N 15  
ARG CA  C    sing N N 16  
ARG CA  CB   sing N N 17  
ARG CA  HA   sing N N 18  
ARG C   O    doub N N 19  
ARG C   OXT  sing N N 20  
ARG CB  CG   sing N N 21  
ARG CB  HB2  sing N N 22  
ARG CB  HB3  sing N N 23  
ARG CG  CD   sing N N 24  
ARG CG  HG2  sing N N 25  
ARG CG  HG3  sing N N 26  
ARG CD  NE   sing N N 27  
ARG CD  HD2  sing N N 28  
ARG CD  HD3  sing N N 29  
ARG NE  CZ   sing N N 30  
ARG NE  HE   sing N N 31  
ARG CZ  NH1  sing N N 32  
ARG CZ  NH2  doub N N 33  
ARG NH1 HH11 sing N N 34  
ARG NH1 HH12 sing N N 35  
ARG NH2 HH21 sing N N 36  
ARG NH2 HH22 sing N N 37  
ARG OXT HXT  sing N N 38  
ASN N   CA   sing N N 39  
ASN N   H    sing N N 40  
ASN N   H2   sing N N 41  
ASN CA  C    sing N N 42  
ASN CA  CB   sing N N 43  
ASN CA  HA   sing N N 44  
ASN C   O    doub N N 45  
ASN C   OXT  sing N N 46  
ASN CB  CG   sing N N 47  
ASN CB  HB2  sing N N 48  
ASN CB  HB3  sing N N 49  
ASN CG  OD1  doub N N 50  
ASN CG  ND2  sing N N 51  
ASN ND2 HD21 sing N N 52  
ASN ND2 HD22 sing N N 53  
ASN OXT HXT  sing N N 54  
ASP N   CA   sing N N 55  
ASP N   H    sing N N 56  
ASP N   H2   sing N N 57  
ASP CA  C    sing N N 58  
ASP CA  CB   sing N N 59  
ASP CA  HA   sing N N 60  
ASP C   O    doub N N 61  
ASP C   OXT  sing N N 62  
ASP CB  CG   sing N N 63  
ASP CB  HB2  sing N N 64  
ASP CB  HB3  sing N N 65  
ASP CG  OD1  doub N N 66  
ASP CG  OD2  sing N N 67  
ASP OD2 HD2  sing N N 68  
ASP OXT HXT  sing N N 69  
CYS N   CA   sing N N 70  
CYS N   H    sing N N 71  
CYS N   H2   sing N N 72  
CYS CA  C    sing N N 73  
CYS CA  CB   sing N N 74  
CYS CA  HA   sing N N 75  
CYS C   O    doub N N 76  
CYS C   OXT  sing N N 77  
CYS CB  SG   sing N N 78  
CYS CB  HB2  sing N N 79  
CYS CB  HB3  sing N N 80  
CYS SG  HG   sing N N 81  
CYS OXT HXT  sing N N 82  
GLN N   CA   sing N N 83  
GLN N   H    sing N N 84  
GLN N   H2   sing N N 85  
GLN CA  C    sing N N 86  
GLN CA  CB   sing N N 87  
GLN CA  HA   sing N N 88  
GLN C   O    doub N N 89  
GLN C   OXT  sing N N 90  
GLN CB  CG   sing N N 91  
GLN CB  HB2  sing N N 92  
GLN CB  HB3  sing N N 93  
GLN CG  CD   sing N N 94  
GLN CG  HG2  sing N N 95  
GLN CG  HG3  sing N N 96  
GLN CD  OE1  doub N N 97  
GLN CD  NE2  sing N N 98  
GLN NE2 HE21 sing N N 99  
GLN NE2 HE22 sing N N 100 
GLN OXT HXT  sing N N 101 
GLU N   CA   sing N N 102 
GLU N   H    sing N N 103 
GLU N   H2   sing N N 104 
GLU CA  C    sing N N 105 
GLU CA  CB   sing N N 106 
GLU CA  HA   sing N N 107 
GLU C   O    doub N N 108 
GLU C   OXT  sing N N 109 
GLU CB  CG   sing N N 110 
GLU CB  HB2  sing N N 111 
GLU CB  HB3  sing N N 112 
GLU CG  CD   sing N N 113 
GLU CG  HG2  sing N N 114 
GLU CG  HG3  sing N N 115 
GLU CD  OE1  doub N N 116 
GLU CD  OE2  sing N N 117 
GLU OE2 HE2  sing N N 118 
GLU OXT HXT  sing N N 119 
GLY N   CA   sing N N 120 
GLY N   H    sing N N 121 
GLY N   H2   sing N N 122 
GLY CA  C    sing N N 123 
GLY CA  HA2  sing N N 124 
GLY CA  HA3  sing N N 125 
GLY C   O    doub N N 126 
GLY C   OXT  sing N N 127 
GLY OXT HXT  sing N N 128 
HIS N   CA   sing N N 129 
HIS N   H    sing N N 130 
HIS N   H2   sing N N 131 
HIS CA  C    sing N N 132 
HIS CA  CB   sing N N 133 
HIS CA  HA   sing N N 134 
HIS C   O    doub N N 135 
HIS C   OXT  sing N N 136 
HIS CB  CG   sing N N 137 
HIS CB  HB2  sing N N 138 
HIS CB  HB3  sing N N 139 
HIS CG  ND1  sing Y N 140 
HIS CG  CD2  doub Y N 141 
HIS ND1 CE1  doub Y N 142 
HIS ND1 HD1  sing N N 143 
HIS CD2 NE2  sing Y N 144 
HIS CD2 HD2  sing N N 145 
HIS CE1 NE2  sing Y N 146 
HIS CE1 HE1  sing N N 147 
HIS NE2 HE2  sing N N 148 
HIS OXT HXT  sing N N 149 
HOH O   H1   sing N N 150 
HOH O   H2   sing N N 151 
ILE N   CA   sing N N 152 
ILE N   H    sing N N 153 
ILE N   H2   sing N N 154 
ILE CA  C    sing N N 155 
ILE CA  CB   sing N N 156 
ILE CA  HA   sing N N 157 
ILE C   O    doub N N 158 
ILE C   OXT  sing N N 159 
ILE CB  CG1  sing N N 160 
ILE CB  CG2  sing N N 161 
ILE CB  HB   sing N N 162 
ILE CG1 CD1  sing N N 163 
ILE CG1 HG12 sing N N 164 
ILE CG1 HG13 sing N N 165 
ILE CG2 HG21 sing N N 166 
ILE CG2 HG22 sing N N 167 
ILE CG2 HG23 sing N N 168 
ILE CD1 HD11 sing N N 169 
ILE CD1 HD12 sing N N 170 
ILE CD1 HD13 sing N N 171 
ILE OXT HXT  sing N N 172 
LEU N   CA   sing N N 173 
LEU N   H    sing N N 174 
LEU N   H2   sing N N 175 
LEU CA  C    sing N N 176 
LEU CA  CB   sing N N 177 
LEU CA  HA   sing N N 178 
LEU C   O    doub N N 179 
LEU C   OXT  sing N N 180 
LEU CB  CG   sing N N 181 
LEU CB  HB2  sing N N 182 
LEU CB  HB3  sing N N 183 
LEU CG  CD1  sing N N 184 
LEU CG  CD2  sing N N 185 
LEU CG  HG   sing N N 186 
LEU CD1 HD11 sing N N 187 
LEU CD1 HD12 sing N N 188 
LEU CD1 HD13 sing N N 189 
LEU CD2 HD21 sing N N 190 
LEU CD2 HD22 sing N N 191 
LEU CD2 HD23 sing N N 192 
LEU OXT HXT  sing N N 193 
LYS N   CA   sing N N 194 
LYS N   H    sing N N 195 
LYS N   H2   sing N N 196 
LYS CA  C    sing N N 197 
LYS CA  CB   sing N N 198 
LYS CA  HA   sing N N 199 
LYS C   O    doub N N 200 
LYS C   OXT  sing N N 201 
LYS CB  CG   sing N N 202 
LYS CB  HB2  sing N N 203 
LYS CB  HB3  sing N N 204 
LYS CG  CD   sing N N 205 
LYS CG  HG2  sing N N 206 
LYS CG  HG3  sing N N 207 
LYS CD  CE   sing N N 208 
LYS CD  HD2  sing N N 209 
LYS CD  HD3  sing N N 210 
LYS CE  NZ   sing N N 211 
LYS CE  HE2  sing N N 212 
LYS CE  HE3  sing N N 213 
LYS NZ  HZ1  sing N N 214 
LYS NZ  HZ2  sing N N 215 
LYS NZ  HZ3  sing N N 216 
LYS OXT HXT  sing N N 217 
PHE N   CA   sing N N 218 
PHE N   H    sing N N 219 
PHE N   H2   sing N N 220 
PHE CA  C    sing N N 221 
PHE CA  CB   sing N N 222 
PHE CA  HA   sing N N 223 
PHE C   O    doub N N 224 
PHE C   OXT  sing N N 225 
PHE CB  CG   sing N N 226 
PHE CB  HB2  sing N N 227 
PHE CB  HB3  sing N N 228 
PHE CG  CD1  doub Y N 229 
PHE CG  CD2  sing Y N 230 
PHE CD1 CE1  sing Y N 231 
PHE CD1 HD1  sing N N 232 
PHE CD2 CE2  doub Y N 233 
PHE CD2 HD2  sing N N 234 
PHE CE1 CZ   doub Y N 235 
PHE CE1 HE1  sing N N 236 
PHE CE2 CZ   sing Y N 237 
PHE CE2 HE2  sing N N 238 
PHE CZ  HZ   sing N N 239 
PHE OXT HXT  sing N N 240 
PRO N   CA   sing N N 241 
PRO N   CD   sing N N 242 
PRO N   H    sing N N 243 
PRO CA  C    sing N N 244 
PRO CA  CB   sing N N 245 
PRO CA  HA   sing N N 246 
PRO C   O    doub N N 247 
PRO C   OXT  sing N N 248 
PRO CB  CG   sing N N 249 
PRO CB  HB2  sing N N 250 
PRO CB  HB3  sing N N 251 
PRO CG  CD   sing N N 252 
PRO CG  HG2  sing N N 253 
PRO CG  HG3  sing N N 254 
PRO CD  HD2  sing N N 255 
PRO CD  HD3  sing N N 256 
PRO OXT HXT  sing N N 257 
SER N   CA   sing N N 258 
SER N   H    sing N N 259 
SER N   H2   sing N N 260 
SER CA  C    sing N N 261 
SER CA  CB   sing N N 262 
SER CA  HA   sing N N 263 
SER C   O    doub N N 264 
SER C   OXT  sing N N 265 
SER CB  OG   sing N N 266 
SER CB  HB2  sing N N 267 
SER CB  HB3  sing N N 268 
SER OG  HG   sing N N 269 
SER OXT HXT  sing N N 270 
SO4 S   O1   doub N N 271 
SO4 S   O2   doub N N 272 
SO4 S   O3   sing N N 273 
SO4 S   O4   sing N N 274 
THR N   CA   sing N N 275 
THR N   H    sing N N 276 
THR N   H2   sing N N 277 
THR CA  C    sing N N 278 
THR CA  CB   sing N N 279 
THR CA  HA   sing N N 280 
THR C   O    doub N N 281 
THR C   OXT  sing N N 282 
THR CB  OG1  sing N N 283 
THR CB  CG2  sing N N 284 
THR CB  HB   sing N N 285 
THR OG1 HG1  sing N N 286 
THR CG2 HG21 sing N N 287 
THR CG2 HG22 sing N N 288 
THR CG2 HG23 sing N N 289 
THR OXT HXT  sing N N 290 
TRP N   CA   sing N N 291 
TRP N   H    sing N N 292 
TRP N   H2   sing N N 293 
TRP CA  C    sing N N 294 
TRP CA  CB   sing N N 295 
TRP CA  HA   sing N N 296 
TRP C   O    doub N N 297 
TRP C   OXT  sing N N 298 
TRP CB  CG   sing N N 299 
TRP CB  HB2  sing N N 300 
TRP CB  HB3  sing N N 301 
TRP CG  CD1  doub Y N 302 
TRP CG  CD2  sing Y N 303 
TRP CD1 NE1  sing Y N 304 
TRP CD1 HD1  sing N N 305 
TRP CD2 CE2  doub Y N 306 
TRP CD2 CE3  sing Y N 307 
TRP NE1 CE2  sing Y N 308 
TRP NE1 HE1  sing N N 309 
TRP CE2 CZ2  sing Y N 310 
TRP CE3 CZ3  doub Y N 311 
TRP CE3 HE3  sing N N 312 
TRP CZ2 CH2  doub Y N 313 
TRP CZ2 HZ2  sing N N 314 
TRP CZ3 CH2  sing Y N 315 
TRP CZ3 HZ3  sing N N 316 
TRP CH2 HH2  sing N N 317 
TRP OXT HXT  sing N N 318 
TYR N   CA   sing N N 319 
TYR N   H    sing N N 320 
TYR N   H2   sing N N 321 
TYR CA  C    sing N N 322 
TYR CA  CB   sing N N 323 
TYR CA  HA   sing N N 324 
TYR C   O    doub N N 325 
TYR C   OXT  sing N N 326 
TYR CB  CG   sing N N 327 
TYR CB  HB2  sing N N 328 
TYR CB  HB3  sing N N 329 
TYR CG  CD1  doub Y N 330 
TYR CG  CD2  sing Y N 331 
TYR CD1 CE1  sing Y N 332 
TYR CD1 HD1  sing N N 333 
TYR CD2 CE2  doub Y N 334 
TYR CD2 HD2  sing N N 335 
TYR CE1 CZ   doub Y N 336 
TYR CE1 HE1  sing N N 337 
TYR CE2 CZ   sing Y N 338 
TYR CE2 HE2  sing N N 339 
TYR CZ  OH   sing N N 340 
TYR OH  HH   sing N N 341 
TYR OXT HXT  sing N N 342 
VAL N   CA   sing N N 343 
VAL N   H    sing N N 344 
VAL N   H2   sing N N 345 
VAL CA  C    sing N N 346 
VAL CA  CB   sing N N 347 
VAL CA  HA   sing N N 348 
VAL C   O    doub N N 349 
VAL C   OXT  sing N N 350 
VAL CB  CG1  sing N N 351 
VAL CB  CG2  sing N N 352 
VAL CB  HB   sing N N 353 
VAL CG1 HG11 sing N N 354 
VAL CG1 HG12 sing N N 355 
VAL CG1 HG13 sing N N 356 
VAL CG2 HG21 sing N N 357 
VAL CG2 HG22 sing N N 358 
VAL CG2 HG23 sing N N 359 
VAL OXT HXT  sing N N 360 
# 
_atom_sites.entry_id                    1FF4 
_atom_sites.fract_transf_matrix[1][1]   -0.00888877 
_atom_sites.fract_transf_matrix[1][2]   -0.00633144 
_atom_sites.fract_transf_matrix[1][3]   -0.01474111 
_atom_sites.fract_transf_matrix[2][1]   0.00901588 
_atom_sites.fract_transf_matrix[2][2]   -0.00246487 
_atom_sites.fract_transf_matrix[2][3]   -0.01576792 
_atom_sites.fract_transf_matrix[3][1]   0.00589284 
_atom_sites.fract_transf_matrix[3][2]   -0.02534078 
_atom_sites.fract_transf_matrix[3][3]   0.00733076 
_atom_sites.fract_transf_vector[1]      0.812624 
_atom_sites.fract_transf_vector[2]      0.477345 
_atom_sites.fract_transf_vector[3]      0.417336 
# 
loop_
_atom_type.symbol 
C 
N 
O 
S 
# 
loop_
_atom_site.group_PDB 
_atom_site.id 
_atom_site.type_symbol 
_atom_site.label_atom_id 
_atom_site.label_alt_id 
_atom_site.label_comp_id 
_atom_site.label_asym_id 
_atom_site.label_entity_id 
_atom_site.label_seq_id 
_atom_site.pdbx_PDB_ins_code 
_atom_site.Cartn_x 
_atom_site.Cartn_y 
_atom_site.Cartn_z 
_atom_site.occupancy 
_atom_site.B_iso_or_equiv 
_atom_site.pdbx_formal_charge 
_atom_site.auth_seq_id 
_atom_site.auth_comp_id 
_atom_site.auth_asym_id 
_atom_site.auth_atom_id 
_atom_site.pdbx_PDB_model_num 
ATOM   1   N N   . LEU A 1 1  ? 5.163   -10.423 8.128   1.00 16.48 ? 1   LEU A N   1 
ATOM   2   C CA  . LEU A 1 1  ? 4.684   -10.081 6.758   1.00 16.67 ? 1   LEU A CA  1 
ATOM   3   C C   . LEU A 1 1  ? 5.642   -9.049  6.142   1.00 13.89 ? 1   LEU A C   1 
ATOM   4   O O   . LEU A 1 1  ? 6.175   -8.177  6.826   1.00 16.58 ? 1   LEU A O   1 
ATOM   5   C CB  A LEU A 1 1  ? 3.247   -9.546  6.806   0.50 15.71 ? 1   LEU A CB  1 
ATOM   6   C CB  B LEU A 1 1  ? 3.254   -9.508  6.816   0.50 16.06 ? 1   LEU A CB  1 
ATOM   7   C CG  A LEU A 1 1  ? 2.554   -9.164  5.485   0.50 15.45 ? 1   LEU A CG  1 
ATOM   8   C CG  B LEU A 1 1  ? 2.201   -9.857  5.750   0.50 20.81 ? 1   LEU A CG  1 
ATOM   9   C CD1 A LEU A 1 1  ? 2.221   -10.402 4.666   0.50 16.72 ? 1   LEU A CD1 1 
ATOM   10  C CD1 B LEU A 1 1  ? 1.090   -8.824  5.761   0.50 19.59 ? 1   LEU A CD1 1 
ATOM   11  C CD2 A LEU A 1 1  ? 1.282   -8.430  5.795   0.50 17.96 ? 1   LEU A CD2 1 
ATOM   12  C CD2 B LEU A 1 1  ? 2.819   -9.899  4.377   0.50 20.52 ? 1   LEU A CD2 1 
ATOM   13  N N   . THR A 1 2  ? 5.963   -9.294  4.879   1.00 16.20 ? 2   THR A N   1 
ATOM   14  C CA  . THR A 1 2  ? 6.841   -8.436  4.116   1.00 17.67 ? 2   THR A CA  1 
ATOM   15  C C   . THR A 1 2  ? 5.993   -7.810  3.030   1.00 17.06 ? 2   THR A C   1 
ATOM   16  O O   . THR A 1 2  ? 5.319   -8.503  2.283   1.00 17.57 ? 2   THR A O   1 
ATOM   17  C CB  . THR A 1 2  ? 7.989   -9.245  3.482   1.00 19.76 ? 2   THR A CB  1 
ATOM   18  O OG1 . THR A 1 2  ? 8.798   -9.804  4.532   1.00 24.00 ? 2   THR A OG1 1 
ATOM   19  C CG2 . THR A 1 2  ? 8.838   -8.374  2.619   1.00 18.99 ? 2   THR A CG2 1 
ATOM   20  N N   . CYS A 1 3  ? 5.954   -6.492  3.006   1.00 16.03 ? 3   CYS A N   1 
ATOM   21  C CA  . CYS A 1 3  ? 5.180   -5.820  1.986   1.00 16.29 ? 3   CYS A CA  1 
ATOM   22  C C   . CYS A 1 3  ? 6.067   -4.955  1.149   1.00 15.58 ? 3   CYS A C   1 
ATOM   23  O O   . CYS A 1 3  ? 7.118   -4.510  1.588   1.00 16.70 ? 3   CYS A O   1 
ATOM   24  C CB  . CYS A 1 3  ? 4.135   -4.904  2.617   1.00 16.43 ? 3   CYS A CB  1 
ATOM   25  S SG  . CYS A 1 3  ? 2.915   -5.714  3.674   1.00 15.90 ? 3   CYS A SG  1 
ATOM   26  N N   . VAL A 1 4  ? 5.650   -4.738  -0.086  1.00 16.63 ? 4   VAL A N   1 
ATOM   27  C CA  . VAL A 1 4  ? 6.364   -3.812  -0.942  1.00 16.84 ? 4   VAL A CA  1 
ATOM   28  C C   . VAL A 1 4  ? 5.964   -2.462  -0.289  1.00 16.05 ? 4   VAL A C   1 
ATOM   29  O O   . VAL A 1 4  ? 4.820   -2.289  0.148   1.00 15.17 ? 4   VAL A O   1 
ATOM   30  C CB  . VAL A 1 4  ? 5.892   -3.949  -2.381  1.00 17.72 ? 4   VAL A CB  1 
ATOM   31  C CG1 . VAL A 1 4  ? 6.600   -2.948  -3.255  1.00 18.81 ? 4   VAL A CG1 1 
ATOM   32  C CG2 . VAL A 1 4  ? 6.180   -5.372  -2.865  1.00 16.84 ? 4   VAL A CG2 1 
ATOM   33  N N   . THR A 1 5  ? 6.903   -1.525  -0.208  1.00 17.08 ? 5   THR A N   1 
ATOM   34  C CA  . THR A 1 5  ? 6.641   -0.278  0.510   1.00 18.26 ? 5   THR A CA  1 
ATOM   35  C C   . THR A 1 5  ? 7.163   0.803   -0.356  1.00 21.70 ? 5   THR A C   1 
ATOM   36  O O   . THR A 1 5  ? 8.185   0.631   -0.955  1.00 20.85 ? 5   THR A O   1 
ATOM   37  C CB  A THR A 1 5  ? 7.308   -0.350  1.852   0.63 18.92 ? 5   THR A CB  1 
ATOM   38  C CB  B THR A 1 5  ? 7.562   -0.325  1.804   0.32 20.91 ? 5   THR A CB  1 
ATOM   39  O OG1 A THR A 1 5  ? 6.769   -1.470  2.582   0.63 18.26 ? 5   THR A OG1 1 
ATOM   40  O OG1 B THR A 1 5  ? 6.850   -0.907  2.910   0.32 22.52 ? 5   THR A OG1 1 
ATOM   41  C CG2 A THR A 1 5  ? 7.221   0.918   2.622   0.63 24.18 ? 5   THR A CG2 1 
ATOM   42  C CG2 B THR A 1 5  ? 8.324   1.011   2.068   0.32 22.86 ? 5   THR A CG2 1 
ATOM   43  N N   . THR A 1 6  ? 6.451   1.916   -0.414  1.00 21.36 ? 6   THR A N   1 
ATOM   44  C CA  . THR A 1 6  ? 6.905   3.083   -1.150  1.00 24.44 ? 6   THR A CA  1 
ATOM   45  C C   . THR A 1 6  ? 7.801   3.850   -0.170  1.00 24.82 ? 6   THR A C   1 
ATOM   46  O O   . THR A 1 6  ? 7.355   4.160   0.928   1.00 27.01 ? 6   THR A O   1 
ATOM   47  C CB  A THR A 1 6  ? 5.724   4.002   -1.397  0.57 24.49 ? 6   THR A CB  1 
ATOM   48  C CB  B THR A 1 6  ? 5.708   3.971   -1.575  0.41 23.88 ? 6   THR A CB  1 
ATOM   49  O OG1 A THR A 1 6  ? 4.728   3.301   -2.143  0.57 22.16 ? 6   THR A OG1 1 
ATOM   50  O OG1 B THR A 1 6  ? 4.785   4.087   -0.486  0.41 18.97 ? 6   THR A OG1 1 
ATOM   51  C CG2 A THR A 1 6  ? 6.157   5.245   -2.140  0.57 22.79 ? 6   THR A CG2 1 
ATOM   52  C CG2 B THR A 1 6  ? 4.967   3.349   -2.737  0.41 22.82 ? 6   THR A CG2 1 
ATOM   53  N N   . LYS A 1 7  ? 9.060   4.097   -0.517  1.00 38.29 ? 7   LYS A N   1 
ATOM   54  C CA  . LYS A 1 7  ? 9.925   4.829   0.406   1.00 40.35 ? 7   LYS A CA  1 
ATOM   55  C C   . LYS A 1 7  ? 9.365   6.223   0.647   1.00 41.05 ? 7   LYS A C   1 
ATOM   56  O O   . LYS A 1 7  ? 8.789   6.836   -0.255  1.00 38.80 ? 7   LYS A O   1 
ATOM   57  C CB  . LYS A 1 7  ? 11.362  4.906   -0.097  1.00 41.03 ? 7   LYS A CB  1 
ATOM   58  C CG  . LYS A 1 7  ? 12.066  3.569   -0.087  1.00 43.84 ? 7   LYS A CG  1 
ATOM   59  C CD  . LYS A 1 7  ? 13.585  3.723   -0.159  1.00 47.55 ? 7   LYS A CD  1 
ATOM   60  C CE  . LYS A 1 7  ? 14.087  4.096   -1.557  1.00 50.14 ? 7   LYS A CE  1 
ATOM   61  N NZ  . LYS A 1 7  ? 13.953  2.966   -2.540  1.00 52.49 ? 7   LYS A NZ  1 
ATOM   62  N N   . SER A 1 8  ? 9.481   6.671   1.896   1.00 43.67 ? 8   SER A N   1 
ATOM   63  C CA  . SER A 1 8  ? 8.986   7.976   2.327   1.00 47.16 ? 8   SER A CA  1 
ATOM   64  C C   . SER A 1 8  ? 9.619   9.097   1.527   1.00 49.48 ? 8   SER A C   1 
ATOM   65  O O   . SER A 1 8  ? 9.088   10.201  1.460   1.00 50.11 ? 8   SER A O   1 
ATOM   66  C CB  . SER A 1 8  ? 9.280   8.193   3.812   1.00 46.98 ? 8   SER A CB  1 
ATOM   67  O OG  . SER A 1 8  ? 10.670  8.102   4.068   1.00 47.98 ? 8   SER A OG  1 
ATOM   68  N N   . ILE A 1 9  ? 10.775  8.811   0.943   1.00 52.03 ? 9   ILE A N   1 
ATOM   69  C CA  . ILE A 1 9  ? 11.477  9.798   0.144   1.00 54.89 ? 9   ILE A CA  1 
ATOM   70  C C   . ILE A 1 9  ? 11.447  9.365   -1.334  1.00 55.53 ? 9   ILE A C   1 
ATOM   71  O O   . ILE A 1 9  ? 12.335  9.714   -2.131  1.00 57.32 ? 9   ILE A O   1 
ATOM   72  C CB  . ILE A 1 9  ? 12.932  9.993   0.688   1.00 56.08 ? 9   ILE A CB  1 
ATOM   73  C CG1 . ILE A 1 9  ? 13.460  11.384  0.289   1.00 56.91 ? 9   ILE A CG1 1 
ATOM   74  C CG2 . ILE A 1 9  ? 13.840  8.802   0.276   1.00 55.07 ? 9   ILE A CG2 1 
ATOM   75  C CD1 . ILE A 1 9  ? 12.566  12.550  0.745   1.00 56.63 ? 9   ILE A CD1 1 
ATOM   76  N N   . GLY A 1 10 ? 10.388  8.633   -1.690  1.00 54.94 ? 10  GLY A N   1 
ATOM   77  C CA  . GLY A 1 10 ? 10.227  8.138   -3.046  1.00 52.96 ? 10  GLY A CA  1 
ATOM   78  C C   . GLY A 1 10 ? 10.994  6.848   -3.292  1.00 51.44 ? 10  GLY A C   1 
ATOM   79  O O   . GLY A 1 10 ? 12.042  6.598   -2.683  1.00 52.37 ? 10  GLY A O   1 
ATOM   80  N N   . GLY A 1 11 ? 10.501  6.051   -4.232  1.00 49.32 ? 11  GLY A N   1 
ATOM   81  C CA  . GLY A 1 11 ? 11.143  4.786   -4.530  1.00 46.49 ? 11  GLY A CA  1 
ATOM   82  C C   . GLY A 1 11 ? 10.349  3.656   -3.900  1.00 44.51 ? 11  GLY A C   1 
ATOM   83  O O   . GLY A 1 11 ? 9.293   3.875   -3.295  1.00 44.07 ? 11  GLY A O   1 
ATOM   84  N N   . VAL A 1 12 ? 10.878  2.447   -3.984  1.00 41.86 ? 12  VAL A N   1 
ATOM   85  C CA  . VAL A 1 12 ? 10.170  1.307   -3.441  1.00 39.94 ? 12  VAL A CA  1 
ATOM   86  C C   . VAL A 1 12 ? 11.114  0.246   -2.901  1.00 38.80 ? 12  VAL A C   1 
ATOM   87  O O   . VAL A 1 12 ? 12.134  -0.061  -3.514  1.00 40.07 ? 12  VAL A O   1 
ATOM   88  C CB  . VAL A 1 12 ? 9.219   0.704   -4.522  1.00 39.36 ? 12  VAL A CB  1 
ATOM   89  C CG1 . VAL A 1 12 ? 9.947   0.531   -5.835  1.00 40.48 ? 12  VAL A CG1 1 
ATOM   90  C CG2 . VAL A 1 12 ? 8.674   -0.610  -4.087  1.00 39.42 ? 12  VAL A CG2 1 
ATOM   91  N N   . THR A 1 13 ? 10.830  -0.220  -1.691  1.00 36.65 ? 13  THR A N   1 
ATOM   92  C CA  . THR A 1 13 ? 11.607  -1.284  -1.070  1.00 34.02 ? 13  THR A CA  1 
ATOM   93  C C   . THR A 1 13 ? 10.630  -2.355  -0.638  1.00 32.36 ? 13  THR A C   1 
ATOM   94  O O   . THR A 1 13 ? 9.475   -2.396  -1.040  1.00 29.68 ? 13  THR A O   1 
ATOM   95  C CB  . THR A 1 13 ? 12.333  -0.876  0.237   1.00 33.58 ? 13  THR A CB  1 
ATOM   96  O OG1 . THR A 1 13 ? 11.966  0.441   0.628   1.00 36.23 ? 13  THR A OG1 1 
ATOM   97  C CG2 . THR A 1 13 ? 13.819  -1.025  0.097   1.00 35.20 ? 13  THR A CG2 1 
ATOM   98  N N   . THR A 1 14 ? 11.131  -3.176  0.261   1.00 31.78 ? 14  THR A N   1 
ATOM   99  C CA  . THR A 1 14 ? 10.426  -4.272  0.856   1.00 31.73 ? 14  THR A CA  1 
ATOM   100 C C   . THR A 1 14 ? 10.608  -4.006  2.346   1.00 30.23 ? 14  THR A C   1 
ATOM   101 O O   . THR A 1 14 ? 11.653  -3.505  2.765   1.00 30.70 ? 14  THR A O   1 
ATOM   102 C CB  . THR A 1 14 ? 11.111  -5.573  0.382   1.00 32.16 ? 14  THR A CB  1 
ATOM   103 O OG1 . THR A 1 14 ? 10.399  -6.081  -0.745  1.00 35.84 ? 14  THR A OG1 1 
ATOM   104 C CG2 . THR A 1 14 ? 11.212  -6.605  1.458   1.00 36.46 ? 14  THR A CG2 1 
ATOM   105 N N   . GLU A 1 15 ? 9.571   -4.238  3.136   1.00 28.91 ? 15  GLU A N   1 
ATOM   106 C CA  . GLU A 1 15 ? 9.700   -4.016  4.558   1.00 28.21 ? 15  GLU A CA  1 
ATOM   107 C C   . GLU A 1 15 ? 8.898   -4.999  5.369   1.00 25.43 ? 15  GLU A C   1 
ATOM   108 O O   . GLU A 1 15 ? 7.800   -5.382  4.983   1.00 23.78 ? 15  GLU A O   1 
ATOM   109 C CB  . GLU A 1 15 ? 9.285   -2.591  4.925   1.00 32.00 ? 15  GLU A CB  1 
ATOM   110 C CG  . GLU A 1 15 ? 7.887   -2.465  5.522   1.00 39.46 ? 15  GLU A CG  1 
ATOM   111 C CD  . GLU A 1 15 ? 7.762   -1.274  6.480   1.00 44.46 ? 15  GLU A CD  1 
ATOM   112 O OE1 . GLU A 1 15 ? 7.181   -1.434  7.591   1.00 46.03 ? 15  GLU A OE1 1 
ATOM   113 O OE2 . GLU A 1 15 ? 8.256   -0.176  6.120   1.00 47.80 ? 15  GLU A OE2 1 
ATOM   114 N N   . ASP A 1 16 ? 9.487   -5.449  6.472   1.00 24.74 ? 16  ASP A N   1 
ATOM   115 C CA  . ASP A 1 16 ? 8.797   -6.347  7.386   1.00 23.97 ? 16  ASP A CA  1 
ATOM   116 C C   . ASP A 1 16 ? 7.877   -5.470  8.167   1.00 21.15 ? 16  ASP A C   1 
ATOM   117 O O   . ASP A 1 16 ? 8.313   -4.511  8.789   1.00 23.00 ? 16  ASP A O   1 
ATOM   118 C CB  . ASP A 1 16 ? 9.756   -6.987  8.371   1.00 28.95 ? 16  ASP A CB  1 
ATOM   119 C CG  . ASP A 1 16 ? 10.396  -8.209  7.819   1.00 33.64 ? 16  ASP A CG  1 
ATOM   120 O OD1 . ASP A 1 16 ? 10.662  -8.210  6.595   1.00 35.68 ? 16  ASP A OD1 1 
ATOM   121 O OD2 . ASP A 1 16 ? 10.608  -9.163  8.600   1.00 38.04 ? 16  ASP A OD2 1 
ATOM   122 N N   . CYS A 1 17 ? 6.601   -5.785  8.135   1.00 18.13 ? 17  CYS A N   1 
ATOM   123 C CA  . CYS A 1 17 ? 5.652   -4.985  8.851   1.00 16.69 ? 17  CYS A CA  1 
ATOM   124 C C   . CYS A 1 17 ? 5.863   -5.133  10.334  1.00 16.76 ? 17  CYS A C   1 
ATOM   125 O O   . CYS A 1 17 ? 6.278   -6.177  10.815  1.00 16.69 ? 17  CYS A O   1 
ATOM   126 C CB  . CYS A 1 17 ? 4.242   -5.420  8.504   1.00 16.33 ? 17  CYS A CB  1 
ATOM   127 S SG  . CYS A 1 17 ? 3.956   -5.348  6.727   1.00 17.12 ? 17  CYS A SG  1 
ATOM   128 N N   . PRO A 1 18 ? 5.624   -4.058  11.080  1.00 16.85 ? 18  PRO A N   1 
ATOM   129 C CA  . PRO A 1 18 ? 5.782   -4.118  12.531  1.00 16.20 ? 18  PRO A CA  1 
ATOM   130 C C   . PRO A 1 18 ? 4.741   -5.129  13.056  1.00 15.51 ? 18  PRO A C   1 
ATOM   131 O O   . PRO A 1 18 ? 3.742   -5.407  12.376  1.00 13.90 ? 18  PRO A O   1 
ATOM   132 C CB  . PRO A 1 18 ? 5.406   -2.696  12.969  1.00 18.03 ? 18  PRO A CB  1 
ATOM   133 C CG  . PRO A 1 18 ? 5.590   -1.857  11.742  1.00 17.64 ? 18  PRO A CG  1 
ATOM   134 C CD  . PRO A 1 18 ? 5.191   -2.723  10.622  1.00 17.21 ? 18  PRO A CD  1 
ATOM   135 N N   . ALA A 1 19 ? 4.983   -5.695  14.240  1.00 15.18 ? 19  ALA A N   1 
ATOM   136 C CA  . ALA A 1 19 ? 4.049   -6.637  14.854  1.00 14.64 ? 19  ALA A CA  1 
ATOM   137 C C   . ALA A 1 19 ? 2.673   -5.980  14.955  1.00 15.59 ? 19  ALA A C   1 
ATOM   138 O O   . ALA A 1 19 ? 2.590   -4.844  15.410  1.00 17.59 ? 19  ALA A O   1 
ATOM   139 C CB  . ALA A 1 19 ? 4.532   -6.995  16.250  1.00 15.96 ? 19  ALA A CB  1 
ATOM   140 N N   . GLY A 1 20 ? 1.612   -6.685  14.539  1.00 14.32 ? 20  GLY A N   1 
ATOM   141 C CA  . GLY A 1 20 ? 0.258   -6.158  14.595  1.00 13.13 ? 20  GLY A CA  1 
ATOM   142 C C   . GLY A 1 20 ? -0.245  -5.624  13.265  1.00 13.03 ? 20  GLY A C   1 
ATOM   143 O O   . GLY A 1 20 ? -1.418  -5.297  13.144  1.00 15.56 ? 20  GLY A O   1 
ATOM   144 N N   . GLN A 1 21 ? 0.652   -5.503  12.289  1.00 12.37 ? 21  GLN A N   1 
ATOM   145 C CA  . GLN A 1 21 ? 0.326   -5.025  10.950  1.00 13.18 ? 21  GLN A CA  1 
ATOM   146 C C   . GLN A 1 21 ? 0.432   -6.194  9.978   1.00 12.21 ? 21  GLN A C   1 
ATOM   147 O O   . GLN A 1 21 ? 1.502   -6.519  9.472   1.00 13.95 ? 21  GLN A O   1 
ATOM   148 C CB  . GLN A 1 21 ? 1.269   -3.892  10.570  1.00 13.43 ? 21  GLN A CB  1 
ATOM   149 C CG  . GLN A 1 21 ? 1.007   -2.645  11.394  1.00 15.65 ? 21  GLN A CG  1 
ATOM   150 C CD  . GLN A 1 21 ? 1.682   -1.420  10.831  1.00 17.81 ? 21  GLN A CD  1 
ATOM   151 O OE1 . GLN A 1 21 ? 2.198   -1.428  9.725   1.00 20.15 ? 21  GLN A OE1 1 
ATOM   152 N NE2 . GLN A 1 21 ? 1.668   -0.351  11.591  1.00 23.53 ? 21  GLN A NE2 1 
ATOM   153 N N   . ASN A 1 22 ? -0.709  -6.791  9.688   1.00 12.72 ? 22  ASN A N   1 
ATOM   154 C CA  . ASN A 1 22 ? -0.763  -7.959  8.845   1.00 12.71 ? 22  ASN A CA  1 
ATOM   155 C C   . ASN A 1 22 ? -1.405  -7.747  7.497   1.00 13.73 ? 22  ASN A C   1 
ATOM   156 O O   . ASN A 1 22 ? -1.805  -8.696  6.841   1.00 13.41 ? 22  ASN A O   1 
ATOM   157 C CB  . ASN A 1 22 ? -1.494  -9.063  9.600   1.00 13.59 ? 22  ASN A CB  1 
ATOM   158 C CG  . ASN A 1 22 ? -0.670  -9.610  10.740  1.00 14.90 ? 22  ASN A CG  1 
ATOM   159 O OD1 . ASN A 1 22 ? 0.556   -9.611  10.676  1.00 17.80 ? 22  ASN A OD1 1 
ATOM   160 N ND2 . ASN A 1 22 ? -1.330  -10.073 11.784  1.00 14.76 ? 22  ASN A ND2 1 
ATOM   161 N N   . VAL A 1 23 ? -1.462  -6.502  7.053   1.00 13.40 ? 23  VAL A N   1 
ATOM   162 C CA  . VAL A 1 23 ? -2.057  -6.217  5.760   1.00 13.67 ? 23  VAL A CA  1 
ATOM   163 C C   . VAL A 1 23 ? -1.069  -5.436  4.912   1.00 12.99 ? 23  VAL A C   1 
ATOM   164 O O   . VAL A 1 23 ? -0.337  -4.586  5.427   1.00 14.03 ? 23  VAL A O   1 
ATOM   165 C CB  . VAL A 1 23 ? -3.344  -5.345  5.919   1.00 12.56 ? 23  VAL A CB  1 
ATOM   166 C CG1 . VAL A 1 23 ? -3.967  -5.004  4.560   1.00 14.67 ? 23  VAL A CG1 1 
ATOM   167 C CG2 . VAL A 1 23 ? -4.334  -6.020  6.844   1.00 14.77 ? 23  VAL A CG2 1 
ATOM   168 N N   . CYS A 1 24 ? -0.937  -5.840  3.654   1.00 13.50 ? 24  CYS A N   1 
ATOM   169 C CA  . CYS A 1 24 ? -0.143  -5.080  2.681   1.00 12.91 ? 24  CYS A CA  1 
ATOM   170 C C   . CYS A 1 24 ? -1.211  -4.371  1.862   1.00 13.37 ? 24  CYS A C   1 
ATOM   171 O O   . CYS A 1 24 ? -2.275  -4.919  1.617   1.00 12.37 ? 24  CYS A O   1 
ATOM   172 C CB  . CYS A 1 24 ? 0.607   -5.956  1.695   1.00 14.29 ? 24  CYS A CB  1 
ATOM   173 S SG  . CYS A 1 24 ? 1.917   -6.958  2.423   1.00 16.63 ? 24  CYS A SG  1 
ATOM   174 N N   . PHE A 1 25 ? -0.928  -3.160  1.424   1.00 13.27 ? 25  PHE A N   1 
ATOM   175 C CA  . PHE A 1 25 ? -1.890  -2.472  0.595   1.00 12.68 ? 25  PHE A CA  1 
ATOM   176 C C   . PHE A 1 25 ? -1.158  -1.828  -0.556  1.00 12.28 ? 25  PHE A C   1 
ATOM   177 O O   . PHE A 1 25 ? 0.035   -1.555  -0.492  1.00 11.15 ? 25  PHE A O   1 
ATOM   178 C CB  . PHE A 1 25 ? -2.683  -1.422  1.380   1.00 12.87 ? 25  PHE A CB  1 
ATOM   179 C CG  . PHE A 1 25 ? -1.871  -0.215  1.765   1.00 13.86 ? 25  PHE A CG  1 
ATOM   180 C CD1 . PHE A 1 25 ? -1.755  0.875   0.896   1.00 14.38 ? 25  PHE A CD1 1 
ATOM   181 C CD2 . PHE A 1 25 ? -1.200  -0.171  2.978   1.00 14.06 ? 25  PHE A CD2 1 
ATOM   182 C CE1 . PHE A 1 25 ? -0.971  1.988   1.244   1.00 15.48 ? 25  PHE A CE1 1 
ATOM   183 C CE2 . PHE A 1 25 ? -0.413  0.932   3.337   1.00 15.17 ? 25  PHE A CE2 1 
ATOM   184 C CZ  . PHE A 1 25 ? -0.296  2.014   2.470   1.00 15.44 ? 25  PHE A CZ  1 
ATOM   185 N N   . LYS A 1 26 ? -1.896  -1.666  -1.640  1.00 13.04 ? 26  LYS A N   1 
ATOM   186 C CA  . LYS A 1 26 ? -1.421  -0.995  -2.833  1.00 13.18 ? 26  LYS A CA  1 
ATOM   187 C C   . LYS A 1 26 ? -2.622  -0.105  -3.186  1.00 13.40 ? 26  LYS A C   1 
ATOM   188 O O   . LYS A 1 26 ? -3.733  -0.594  -3.412  1.00 12.60 ? 26  LYS A O   1 
ATOM   189 C CB  . LYS A 1 26 ? -1.132  -1.981  -3.954  1.00 14.39 ? 26  LYS A CB  1 
ATOM   190 C CG  . LYS A 1 26 ? -0.655  -1.318  -5.219  1.00 15.09 ? 26  LYS A CG  1 
ATOM   191 C CD  . LYS A 1 26 ? -0.324  -2.353  -6.267  1.00 15.85 ? 26  LYS A CD  1 
ATOM   192 C CE  . LYS A 1 26 ? 0.185   -1.716  -7.535  1.00 15.97 ? 26  LYS A CE  1 
ATOM   193 N NZ  . LYS A 1 26 ? 0.394   -2.789  -8.519  1.00 17.47 ? 26  LYS A NZ  1 
ATOM   194 N N   . ARG A 1 27 ? -2.414  1.206   -3.108  1.00 14.29 ? 27  ARG A N   1 
ATOM   195 C CA  . ARG A 1 27 ? -3.464  2.169   -3.396  1.00 14.05 ? 27  ARG A CA  1 
ATOM   196 C C   . ARG A 1 27 ? -3.042  3.022   -4.589  1.00 14.26 ? 27  ARG A C   1 
ATOM   197 O O   . ARG A 1 27 ? -1.893  3.472   -4.687  1.00 14.27 ? 27  ARG A O   1 
ATOM   198 C CB  . ARG A 1 27 ? -3.713  3.057   -2.176  1.00 14.84 ? 27  ARG A CB  1 
ATOM   199 C CG  . ARG A 1 27 ? -4.855  4.042   -2.323  1.00 15.34 ? 27  ARG A CG  1 
ATOM   200 C CD  . ARG A 1 27 ? -4.920  4.944   -1.109  1.00 19.69 ? 27  ARG A CD  1 
ATOM   201 N NE  . ARG A 1 27 ? -6.097  5.819   -1.150  1.00 24.21 ? 27  ARG A NE  1 
ATOM   202 C CZ  . ARG A 1 27 ? -6.953  6.004   -0.136  1.00 26.44 ? 27  ARG A CZ  1 
ATOM   203 N NH1 . ARG A 1 27 ? -6.762  5.385   1.033   1.00 28.07 ? 27  ARG A NH1 1 
ATOM   204 N NH2 . ARG A 1 27 ? -8.044  6.751   -0.311  1.00 26.60 ? 27  ARG A NH2 1 
ATOM   205 N N   . TRP A 1 28 ? -3.962  3.146   -5.540  1.00 14.00 ? 28  TRP A N   1 
ATOM   206 C CA  . TRP A 1 28 ? -3.729  3.950   -6.722  1.00 14.66 ? 28  TRP A CA  1 
ATOM   207 C C   . TRP A 1 28 ? -4.436  5.235   -6.363  1.00 14.94 ? 28  TRP A C   1 
ATOM   208 O O   . TRP A 1 28 ? -5.656  5.310   -6.400  1.00 15.79 ? 28  TRP A O   1 
ATOM   209 C CB  . TRP A 1 28 ? -4.374  3.330   -7.953  1.00 14.32 ? 28  TRP A CB  1 
ATOM   210 C CG  . TRP A 1 28 ? -3.698  2.088   -8.413  1.00 16.23 ? 28  TRP A CG  1 
ATOM   211 C CD1 . TRP A 1 28 ? -2.768  1.983   -9.395  1.00 16.43 ? 28  TRP A CD1 1 
ATOM   212 C CD2 . TRP A 1 28 ? -3.925  0.751   -7.925  1.00 15.50 ? 28  TRP A CD2 1 
ATOM   213 N NE1 . TRP A 1 28 ? -2.402  0.664   -9.568  1.00 17.62 ? 28  TRP A NE1 1 
ATOM   214 C CE2 . TRP A 1 28 ? -3.098  -0.111  -8.679  1.00 15.75 ? 28  TRP A CE2 1 
ATOM   215 C CE3 . TRP A 1 28 ? -4.750  0.202   -6.930  1.00 15.32 ? 28  TRP A CE3 1 
ATOM   216 C CZ2 . TRP A 1 28 ? -3.073  -1.493  -8.474  1.00 15.13 ? 28  TRP A CZ2 1 
ATOM   217 C CZ3 . TRP A 1 28 ? -4.724  -1.173  -6.730  1.00 14.63 ? 28  TRP A CZ3 1 
ATOM   218 C CH2 . TRP A 1 28 ? -3.889  -1.999  -7.500  1.00 13.85 ? 28  TRP A CH2 1 
ATOM   219 N N   . HIS A 1 29 ? -3.656  6.193   -5.888  1.00 16.18 ? 29  HIS A N   1 
ATOM   220 C CA  . HIS A 1 29 ? -4.202  7.468   -5.501  1.00 17.55 ? 29  HIS A CA  1 
ATOM   221 C C   . HIS A 1 29 ? -4.268  8.410   -6.691  1.00 18.40 ? 29  HIS A C   1 
ATOM   222 O O   . HIS A 1 29 ? -3.240  8.858   -7.203  1.00 18.38 ? 29  HIS A O   1 
ATOM   223 C CB  . HIS A 1 29 ? -3.371  8.111   -4.401  1.00 19.49 ? 29  HIS A CB  1 
ATOM   224 C CG  . HIS A 1 29 ? -3.944  9.409   -3.939  1.00 22.44 ? 29  HIS A CG  1 
ATOM   225 N ND1 . HIS A 1 29 ? -5.239  9.519   -3.484  1.00 22.60 ? 29  HIS A ND1 1 
ATOM   226 C CD2 . HIS A 1 29 ? -3.455  10.668  -3.986  1.00 23.00 ? 29  HIS A CD2 1 
ATOM   227 C CE1 . HIS A 1 29 ? -5.533  10.789  -3.284  1.00 23.53 ? 29  HIS A CE1 1 
ATOM   228 N NE2 . HIS A 1 29 ? -4.465  11.507  -3.582  1.00 23.59 ? 29  HIS A NE2 1 
ATOM   229 N N   . TYR A 1 30 ? -5.490  8.704   -7.122  1.00 20.44 ? 30  TYR A N   1 
ATOM   230 C CA  . TYR A 1 30 ? -5.697  9.608   -8.251  1.00 21.96 ? 30  TYR A CA  1 
ATOM   231 C C   . TYR A 1 30 ? -5.560  11.074  -7.851  1.00 23.58 ? 30  TYR A C   1 
ATOM   232 O O   . TYR A 1 30 ? -6.199  11.558  -6.919  1.00 23.01 ? 30  TYR A O   1 
ATOM   233 C CB  . TYR A 1 30 ? -7.029  9.332   -8.932  1.00 21.22 ? 30  TYR A CB  1 
ATOM   234 C CG  . TYR A 1 30 ? -6.918  8.155   -9.860  1.00 20.97 ? 30  TYR A CG  1 
ATOM   235 C CD1 . TYR A 1 30 ? -6.724  8.346   -11.229 1.00 20.95 ? 30  TYR A CD1 1 
ATOM   236 C CD2 . TYR A 1 30 ? -6.953  6.846   -9.366  1.00 20.30 ? 30  TYR A CD2 1 
ATOM   237 C CE1 . TYR A 1 30 ? -6.564  7.265   -12.089 1.00 21.15 ? 30  TYR A CE1 1 
ATOM   238 C CE2 . TYR A 1 30 ? -6.799  5.760   -10.216 1.00 19.42 ? 30  TYR A CE2 1 
ATOM   239 C CZ  . TYR A 1 30 ? -6.606  5.977   -11.575 1.00 20.60 ? 30  TYR A CZ  1 
ATOM   240 O OH  . TYR A 1 30 ? -6.474  4.925   -12.435 1.00 21.25 ? 30  TYR A OH  1 
ATOM   241 N N   . VAL A 1 31 ? -4.587  11.713  -8.475  1.00 25.40 ? 31  VAL A N   1 
ATOM   242 C CA  . VAL A 1 31 ? -4.309  13.099  -8.217  1.00 27.81 ? 31  VAL A CA  1 
ATOM   243 C C   . VAL A 1 31 ? -5.105  13.908  -9.241  1.00 29.30 ? 31  VAL A C   1 
ATOM   244 O O   . VAL A 1 31 ? -5.574  14.989  -8.940  1.00 31.00 ? 31  VAL A O   1 
ATOM   245 C CB  . VAL A 1 31 ? -2.798  13.339  -8.254  1.00 28.00 ? 31  VAL A CB  1 
ATOM   246 C CG1 . VAL A 1 31 ? -2.148  12.513  -7.160  1.00 27.51 ? 31  VAL A CG1 1 
ATOM   247 C CG2 . VAL A 1 31 ? -2.217  12.906  -9.585  1.00 29.45 ? 31  VAL A CG2 1 
ATOM   248 N N   . THR A 1 32 ? -5.302  13.353  -10.432 1.00 29.79 ? 32  THR A N   1 
ATOM   249 C CA  . THR A 1 32 ? -6.108  14.003  -11.468 1.00 31.07 ? 32  THR A CA  1 
ATOM   250 C C   . THR A 1 32 ? -6.935  12.869  -12.084 1.00 33.28 ? 32  THR A C   1 
ATOM   251 O O   . THR A 1 32 ? -6.687  11.701  -11.781 1.00 34.55 ? 32  THR A O   1 
ATOM   252 C CB  . THR A 1 32 ? -5.242  14.677  -12.564 1.00 29.98 ? 32  THR A CB  1 
ATOM   253 O OG1 . THR A 1 32 ? -4.697  13.687  -13.444 1.00 30.05 ? 32  THR A OG1 1 
ATOM   254 C CG2 . THR A 1 32 ? -4.111  15.476  -11.949 1.00 29.24 ? 32  THR A CG2 1 
ATOM   255 N N   . PRO A 1 33 ? -7.929  13.185  -12.942 1.00 34.79 ? 33  PRO A N   1 
ATOM   256 C CA  . PRO A 1 33 ? -8.748  12.128  -13.559 1.00 34.76 ? 33  PRO A CA  1 
ATOM   257 C C   . PRO A 1 33 ? -7.950  11.137  -14.382 1.00 33.83 ? 33  PRO A C   1 
ATOM   258 O O   . PRO A 1 33 ? -8.460  10.095  -14.754 1.00 35.41 ? 33  PRO A O   1 
ATOM   259 C CB  . PRO A 1 33 ? -9.732  12.914  -14.433 1.00 35.45 ? 33  PRO A CB  1 
ATOM   260 C CG  . PRO A 1 33 ? -8.994  14.164  -14.741 1.00 37.08 ? 33  PRO A CG  1 
ATOM   261 C CD  . PRO A 1 33 ? -8.374  14.510  -13.408 1.00 36.07 ? 33  PRO A CD  1 
ATOM   262 N N   . LYS A 1 34 ? -6.698  11.455  -14.666 1.00 32.63 ? 34  LYS A N   1 
ATOM   263 C CA  . LYS A 1 34 ? -5.874  10.549  -15.434 1.00 33.69 ? 34  LYS A CA  1 
ATOM   264 C C   . LYS A 1 34 ? -4.586  10.159  -14.751 1.00 32.61 ? 34  LYS A C   1 
ATOM   265 O O   . LYS A 1 34 ? -3.963  9.174   -15.129 1.00 32.80 ? 34  LYS A O   1 
ATOM   266 C CB  . LYS A 1 34 ? -5.512  11.155  -16.784 1.00 36.78 ? 34  LYS A CB  1 
ATOM   267 C CG  . LYS A 1 34 ? -6.418  10.731  -17.919 1.00 41.86 ? 34  LYS A CG  1 
ATOM   268 C CD  . LYS A 1 34 ? -5.691  10.800  -19.277 1.00 44.76 ? 34  LYS A CD  1 
ATOM   269 C CE  . LYS A 1 34 ? -5.209  12.204  -19.597 1.00 45.70 ? 34  LYS A CE  1 
ATOM   270 N NZ  . LYS A 1 34 ? -6.291  13.215  -19.395 1.00 47.98 ? 34  LYS A NZ  1 
ATOM   271 N N   . ASN A 1 35 ? -4.169  10.938  -13.766 1.00 31.03 ? 35  ASN A N   1 
ATOM   272 C CA  . ASN A 1 35 ? -2.908  10.663  -13.108 1.00 30.64 ? 35  ASN A CA  1 
ATOM   273 C C   . ASN A 1 35 ? -3.077  10.211  -11.685 1.00 27.66 ? 35  ASN A C   1 
ATOM   274 O O   . ASN A 1 35 ? -3.913  10.721  -10.944 1.00 25.80 ? 35  ASN A O   1 
ATOM   275 C CB  . ASN A 1 35 ? -1.982  11.881  -13.180 1.00 36.44 ? 35  ASN A CB  1 
ATOM   276 C CG  . ASN A 1 35 ? -1.734  12.357  -14.621 1.00 41.44 ? 35  ASN A CG  1 
ATOM   277 O OD1 . ASN A 1 35 ? -1.870  11.588  -15.591 1.00 44.95 ? 35  ASN A OD1 1 
ATOM   278 N ND2 . ASN A 1 35 ? -1.364  13.630  -14.765 1.00 43.50 ? 35  ASN A ND2 1 
ATOM   279 N N   . TYR A 1 36 ? -2.210  9.289   -11.293 1.00 26.03 ? 36  TYR A N   1 
ATOM   280 C CA  . TYR A 1 36 ? -2.274  8.706   -9.967  1.00 23.77 ? 36  TYR A CA  1 
ATOM   281 C C   . TYR A 1 36 ? -0.888  8.343   -9.466  1.00 22.60 ? 36  TYR A C   1 
ATOM   282 O O   . TYR A 1 36 ? 0.068   8.244   -10.242 1.00 21.14 ? 36  TYR A O   1 
ATOM   283 C CB  . TYR A 1 36 ? -3.130  7.436   -10.032 1.00 22.68 ? 36  TYR A CB  1 
ATOM   284 C CG  . TYR A 1 36 ? -2.640  6.454   -11.085 1.00 23.07 ? 36  TYR A CG  1 
ATOM   285 C CD1 . TYR A 1 36 ? -1.649  5.515   -10.783 1.00 24.27 ? 36  TYR A CD1 1 
ATOM   286 C CD2 . TYR A 1 36 ? -3.132  6.492   -12.399 1.00 24.31 ? 36  TYR A CD2 1 
ATOM   287 C CE1 . TYR A 1 36 ? -1.151  4.643   -11.749 1.00 23.64 ? 36  TYR A CE1 1 
ATOM   288 C CE2 . TYR A 1 36 ? -2.640  5.622   -13.384 1.00 24.77 ? 36  TYR A CE2 1 
ATOM   289 C CZ  . TYR A 1 36 ? -1.648  4.705   -13.038 1.00 25.16 ? 36  TYR A CZ  1 
ATOM   290 O OH  . TYR A 1 36 ? -1.136  3.852   -13.974 1.00 27.68 ? 36  TYR A OH  1 
ATOM   291 N N   . ASP A 1 37 ? -0.783  8.181   -8.156  1.00 22.58 ? 37  ASP A N   1 
ATOM   292 C CA  . ASP A 1 37 ? 0.460   7.772   -7.544  1.00 23.28 ? 37  ASP A CA  1 
ATOM   293 C C   . ASP A 1 37 ? 0.104   6.499   -6.867  1.00 20.87 ? 37  ASP A C   1 
ATOM   294 O O   . ASP A 1 37 ? -0.979  6.373   -6.333  1.00 21.43 ? 37  ASP A O   1 
ATOM   295 C CB  . ASP A 1 37 ? 0.588   8.676   -6.284  1.00 29.57 ? 37  ASP A CB  1 
ATOM   296 C CG  . ASP A 1 37 ? 1.964   9.317   -6.539  1.00 38.69 ? 37  ASP A CG  1 
ATOM   297 O OD1 . ASP A 1 37 ? 2.989   8.572   -6.373  1.00 42.64 ? 37  ASP A OD1 1 
ATOM   298 O OD2 . ASP A 1 37 ? 2.021   10.504  -6.963  1.00 44.64 ? 37  ASP A OD2 1 
ATOM   299 N N   . ILE A 1 38 ? 1.011   5.547   -6.896  1.00 19.01 ? 38  ILE A N   1 
ATOM   300 C CA  . ILE A 1 38 ? 0.724   4.297   -6.252  1.00 17.59 ? 38  ILE A CA  1 
ATOM   301 C C   . ILE A 1 38 ? 1.418   4.333   -4.924  1.00 17.30 ? 38  ILE A C   1 
ATOM   302 O O   . ILE A 1 38 ? 2.592   4.687   -4.840  1.00 18.68 ? 38  ILE A O   1 
ATOM   303 C CB  . ILE A 1 38 ? 1.213   3.129   -7.079  1.00 18.16 ? 38  ILE A CB  1 
ATOM   304 C CG1 . ILE A 1 38 ? 0.540   3.160   -8.453  1.00 17.04 ? 38  ILE A CG1 1 
ATOM   305 C CG2 . ILE A 1 38 ? 0.842   1.845   -6.380  1.00 18.70 ? 38  ILE A CG2 1 
ATOM   306 C CD1 . ILE A 1 38 ? 1.101   2.189   -9.456  1.00 19.50 ? 38  ILE A CD1 1 
ATOM   307 N N   . ILE A 1 39 ? 0.673   4.020   -3.878  1.00 15.18 ? 39  ILE A N   1 
ATOM   308 C CA  . ILE A 1 39 ? 1.213   4.007   -2.529  1.00 15.81 ? 39  ILE A CA  1 
ATOM   309 C C   . ILE A 1 39 ? 1.135   2.552   -2.062  1.00 14.93 ? 39  ILE A C   1 
ATOM   310 O O   . ILE A 1 39 ? 0.103   1.918   -2.189  1.00 15.46 ? 39  ILE A O   1 
ATOM   311 C CB  . ILE A 1 39 ? 0.364   4.890   -1.602  1.00 16.91 ? 39  ILE A CB  1 
ATOM   312 C CG1 . ILE A 1 39 ? 0.230   6.297   -2.202  1.00 17.97 ? 39  ILE A CG1 1 
ATOM   313 C CG2 . ILE A 1 39 ? 0.981   4.953   -0.197  1.00 17.90 ? 39  ILE A CG2 1 
ATOM   314 C CD1 . ILE A 1 39 ? -0.945  7.041   -1.636  1.00 20.70 ? 39  ILE A CD1 1 
ATOM   315 N N   . LYS A 1 40 ? 2.234   2.048   -1.524  1.00 14.74 ? 40  LYS A N   1 
ATOM   316 C CA  . LYS A 1 40 ? 2.287   0.678   -1.053  1.00 14.39 ? 40  LYS A CA  1 
ATOM   317 C C   . LYS A 1 40 ? 2.904   0.620   0.332   1.00 14.21 ? 40  LYS A C   1 
ATOM   318 O O   . LYS A 1 40 ? 3.778   1.413   0.681   1.00 13.69 ? 40  LYS A O   1 
ATOM   319 C CB  . LYS A 1 40 ? 3.151   -0.162  -1.982  1.00 15.24 ? 40  LYS A CB  1 
ATOM   320 C CG  . LYS A 1 40 ? 2.691   -0.225  -3.395  1.00 16.87 ? 40  LYS A CG  1 
ATOM   321 C CD  . LYS A 1 40 ? 3.834   -0.762  -4.215  1.00 19.47 ? 40  LYS A CD  1 
ATOM   322 C CE  . LYS A 1 40 ? 3.468   -0.894  -5.650  1.00 21.75 ? 40  LYS A CE  1 
ATOM   323 N NZ  . LYS A 1 40 ? 4.665   -1.286  -6.439  1.00 25.33 ? 40  LYS A NZ  1 
ATOM   324 N N   . GLY A 1 41 ? 2.468   -0.362  1.110   1.00 13.53 ? 41  GLY A N   1 
ATOM   325 C CA  . GLY A 1 41 ? 3.042   -0.525  2.426   1.00 13.42 ? 41  GLY A CA  1 
ATOM   326 C C   . GLY A 1 41 ? 2.300   -1.459  3.338   1.00 11.42 ? 41  GLY A C   1 
ATOM   327 O O   . GLY A 1 41 ? 1.375   -2.138  2.923   1.00 12.91 ? 41  GLY A O   1 
ATOM   328 N N   . CYS A 1 42 ? 2.711   -1.433  4.601   1.00 12.91 ? 42  CYS A N   1 
ATOM   329 C CA  . CYS A 1 42 ? 2.124   -2.220  5.681   1.00 12.96 ? 42  CYS A CA  1 
ATOM   330 C C   . CYS A 1 42 ? 1.020   -1.425  6.338   1.00 12.75 ? 42  CYS A C   1 
ATOM   331 O O   . CYS A 1 42 ? 1.092   -0.211  6.394   1.00 13.78 ? 42  CYS A O   1 
ATOM   332 C CB  . CYS A 1 42 ? 3.174   -2.458  6.766   1.00 12.67 ? 42  CYS A CB  1 
ATOM   333 S SG  . CYS A 1 42 ? 4.575   -3.479  6.240   1.00 16.46 ? 42  CYS A SG  1 
ATOM   334 N N   . ALA A 1 43 ? 0.037   -2.112  6.896   1.00 12.38 ? 43  ALA A N   1 
ATOM   335 C CA  . ALA A 1 43 ? -1.042  -1.461  7.621   1.00 13.12 ? 43  ALA A CA  1 
ATOM   336 C C   . ALA A 1 43 ? -1.655  -2.475  8.591   1.00 13.91 ? 43  ALA A C   1 
ATOM   337 O O   . ALA A 1 43 ? -1.497  -3.682  8.407   1.00 13.51 ? 43  ALA A O   1 
ATOM   338 C CB  . ALA A 1 43 ? -2.090  -0.945  6.668   1.00 12.50 ? 43  ALA A CB  1 
ATOM   339 N N   . ALA A 1 44 ? -2.335  -1.978  9.620   1.00 14.70 ? 44  ALA A N   1 
ATOM   340 C CA  . ALA A 1 44 ? -2.992  -2.828  10.611  1.00 15.17 ? 44  ALA A CA  1 
ATOM   341 C C   . ALA A 1 44 ? -4.309  -3.335  10.039  1.00 16.70 ? 44  ALA A C   1 
ATOM   342 O O   . ALA A 1 44 ? -4.779  -4.423  10.369  1.00 16.28 ? 44  ALA A O   1 
ATOM   343 C CB  . ALA A 1 44 ? -3.248  -2.048  11.878  1.00 14.76 ? 44  ALA A CB  1 
ATOM   344 N N   . THR A 1 45 ? -4.918  -2.515  9.194   1.00 16.99 ? 45  THR A N   1 
ATOM   345 C CA  . THR A 1 45 ? -6.182  -2.864  8.551   1.00 15.36 ? 45  THR A CA  1 
ATOM   346 C C   . THR A 1 45 ? -6.087  -2.290  7.153   1.00 13.19 ? 45  THR A C   1 
ATOM   347 O O   . THR A 1 45 ? -5.258  -1.428  6.895   1.00 11.46 ? 45  THR A O   1 
ATOM   348 C CB  A THR A 1 45 ? -7.329  -2.118  9.239   0.65 17.85 ? 45  THR A CB  1 
ATOM   349 C CB  B THR A 1 45 ? -7.367  -2.117  9.121   0.18 15.49 ? 45  THR A CB  1 
ATOM   350 O OG1 A THR A 1 45 ? -6.969  -0.725  9.334   0.65 10.27 ? 45  THR A OG1 1 
ATOM   351 O OG1 B THR A 1 45 ? -6.892  -0.862  9.618   0.18 15.91 ? 45  THR A OG1 1 
ATOM   352 C CG2 A THR A 1 45 ? -7.628  -2.675  10.598  0.65 15.60 ? 45  THR A CG2 1 
ATOM   353 C CG2 B THR A 1 45 ? -8.150  -2.908  10.145  0.18 17.58 ? 45  THR A CG2 1 
ATOM   354 N N   . CYS A 1 46 ? -6.977  -2.725  6.265   1.00 14.84 ? 46  CYS A N   1 
ATOM   355 C CA  . CYS A 1 46 ? -7.019  -2.189  4.904   1.00 15.30 ? 46  CYS A CA  1 
ATOM   356 C C   . CYS A 1 46 ? -7.404  -0.701  5.048   1.00 15.49 ? 46  CYS A C   1 
ATOM   357 O O   . CYS A 1 46 ? -8.422  -0.382  5.660   1.00 15.51 ? 46  CYS A O   1 
ATOM   358 C CB  . CYS A 1 46 ? -8.086  -2.917  4.102   1.00 14.96 ? 46  CYS A CB  1 
ATOM   359 S SG  . CYS A 1 46 ? -8.087  -2.453  2.354   1.00 17.98 ? 46  CYS A SG  1 
ATOM   360 N N   . PRO A 1 47 ? -6.572  0.220   4.526   1.00 16.37 ? 47  PRO A N   1 
ATOM   361 C CA  . PRO A 1 47 ? -6.866  1.659   4.630   1.00 17.48 ? 47  PRO A CA  1 
ATOM   362 C C   . PRO A 1 47 ? -8.255  2.011   4.132   1.00 19.22 ? 47  PRO A C   1 
ATOM   363 O O   . PRO A 1 47 ? -8.740  1.450   3.139   1.00 18.63 ? 47  PRO A O   1 
ATOM   364 C CB  . PRO A 1 47 ? -5.801  2.288   3.734   1.00 16.46 ? 47  PRO A CB  1 
ATOM   365 C CG  . PRO A 1 47 ? -4.656  1.367   3.882   1.00 16.40 ? 47  PRO A CG  1 
ATOM   366 C CD  . PRO A 1 47 ? -5.315  0.004   3.790   1.00 16.34 ? 47  PRO A CD  1 
ATOM   367 N N   . LYS A 1 48 ? -8.898  2.916   4.857   1.00 22.43 ? 48  LYS A N   1 
ATOM   368 C CA  . LYS A 1 48 ? -10.234 3.398   4.519   1.00 26.26 ? 48  LYS A CA  1 
ATOM   369 C C   . LYS A 1 48 ? -10.156 4.233   3.226   1.00 25.76 ? 48  LYS A C   1 
ATOM   370 O O   . LYS A 1 48 ? -9.292  5.094   3.074   1.00 26.98 ? 48  LYS A O   1 
ATOM   371 C CB  . LYS A 1 48 ? -10.792 4.232   5.691   1.00 29.91 ? 48  LYS A CB  1 
ATOM   372 C CG  . LYS A 1 48 ? -11.769 5.359   5.290   1.00 37.43 ? 48  LYS A CG  1 
ATOM   373 C CD  . LYS A 1 48 ? -11.974 6.426   6.399   1.00 41.66 ? 48  LYS A CD  1 
ATOM   374 C CE  . LYS A 1 48 ? -12.582 7.742   5.847   1.00 44.28 ? 48  LYS A CE  1 
ATOM   375 N NZ  . LYS A 1 48 ? -11.611 8.591   5.045   1.00 47.32 ? 48  LYS A NZ  1 
ATOM   376 N N   . VAL A 1 49 ? -11.007 3.908   2.264   1.00 25.70 ? 49  VAL A N   1 
ATOM   377 C CA  . VAL A 1 49 ? -11.046 4.645   1.017   1.00 27.07 ? 49  VAL A CA  1 
ATOM   378 C C   . VAL A 1 49 ? -12.437 5.252   0.880   1.00 29.13 ? 49  VAL A C   1 
ATOM   379 O O   . VAL A 1 49 ? -13.450 4.541   0.901   1.00 29.31 ? 49  VAL A O   1 
ATOM   380 C CB  . VAL A 1 49 ? -10.784 3.741   -0.189  1.00 25.95 ? 49  VAL A CB  1 
ATOM   381 C CG1 . VAL A 1 49 ? -11.024 4.522   -1.461  1.00 26.20 ? 49  VAL A CG1 1 
ATOM   382 C CG2 . VAL A 1 49 ? -9.355  3.226   -0.153  1.00 26.44 ? 49  VAL A CG2 1 
ATOM   383 N N   . ASP A 1 50 ? -12.496 6.569   0.766   1.00 30.68 ? 50  ASP A N   1 
ATOM   384 C CA  . ASP A 1 50 ? -13.794 7.227   0.613   1.00 33.18 ? 50  ASP A CA  1 
ATOM   385 C C   . ASP A 1 50 ? -13.794 8.134   -0.624  1.00 32.76 ? 50  ASP A C   1 
ATOM   386 O O   . ASP A 1 50 ? -14.788 8.804   -0.919  1.00 33.81 ? 50  ASP A O   1 
ATOM   387 C CB  . ASP A 1 50 ? -14.160 8.024   1.880   1.00 36.04 ? 50  ASP A CB  1 
ATOM   388 C CG  . ASP A 1 50 ? -13.259 9.242   2.096   1.00 38.70 ? 50  ASP A CG  1 
ATOM   389 O OD1 . ASP A 1 50 ? -13.694 10.212  2.760   1.00 40.97 ? 50  ASP A OD1 1 
ATOM   390 O OD2 . ASP A 1 50 ? -12.117 9.229   1.595   1.00 40.36 ? 50  ASP A OD2 1 
ATOM   391 N N   . ASN A 1 51 ? -12.673 8.141   -1.338  1.00 31.38 ? 51  ASN A N   1 
ATOM   392 C CA  . ASN A 1 51 ? -12.532 8.954   -2.531  1.00 30.30 ? 51  ASN A CA  1 
ATOM   393 C C   . ASN A 1 51 ? -12.469 8.098   -3.795  1.00 30.50 ? 51  ASN A C   1 
ATOM   394 O O   . ASN A 1 51 ? -11.998 8.542   -4.847  1.00 30.07 ? 51  ASN A O   1 
ATOM   395 C CB  . ASN A 1 51 ? -11.294 9.819   -2.410  1.00 29.97 ? 51  ASN A CB  1 
ATOM   396 C CG  . ASN A 1 51 ? -10.018 9.017   -2.427  1.00 30.21 ? 51  ASN A CG  1 
ATOM   397 O OD1 . ASN A 1 51 ? -8.942  9.582   -2.624  1.00 31.38 ? 51  ASN A OD1 1 
ATOM   398 N ND2 . ASN A 1 51 ? -10.114 7.701   -2.220  1.00 28.39 ? 51  ASN A ND2 1 
ATOM   399 N N   . ASN A 1 52 ? -12.921 6.853   -3.669  1.00 30.03 ? 52  ASN A N   1 
ATOM   400 C CA  . ASN A 1 52 ? -12.952 5.908   -4.783  1.00 30.33 ? 52  ASN A CA  1 
ATOM   401 C C   . ASN A 1 52 ? -11.589 5.514   -5.383  1.00 26.45 ? 52  ASN A C   1 
ATOM   402 O O   . ASN A 1 52 ? -11.512 5.055   -6.526  1.00 26.98 ? 52  ASN A O   1 
ATOM   403 C CB  . ASN A 1 52 ? -13.926 6.396   -5.885  1.00 35.39 ? 52  ASN A CB  1 
ATOM   404 C CG  . ASN A 1 52 ? -15.298 6.818   -5.320  1.00 39.92 ? 52  ASN A CG  1 
ATOM   405 O OD1 . ASN A 1 52 ? -15.690 7.994   -5.414  1.00 44.43 ? 52  ASN A OD1 1 
ATOM   406 N ND2 . ASN A 1 52 ? -16.017 5.867   -4.717  1.00 41.25 ? 52  ASN A ND2 1 
ATOM   407 N N   . ASP A 1 53 ? -10.513 5.724   -4.639  1.00 21.89 ? 53  ASP A N   1 
ATOM   408 C CA  . ASP A 1 53 ? -9.210  5.307   -5.124  1.00 18.61 ? 53  ASP A CA  1 
ATOM   409 C C   . ASP A 1 53 ? -9.205  3.774   -5.139  1.00 16.93 ? 53  ASP A C   1 
ATOM   410 O O   . ASP A 1 53 ? -9.670  3.168   -4.180  1.00 16.99 ? 53  ASP A O   1 
ATOM   411 C CB  . ASP A 1 53 ? -8.155  5.679   -4.117  1.00 19.61 ? 53  ASP A CB  1 
ATOM   412 C CG  . ASP A 1 53 ? -7.673  7.074   -4.256  1.00 19.20 ? 53  ASP A CG  1 
ATOM   413 O OD1 . ASP A 1 53 ? -7.799  7.673   -5.333  1.00 19.28 ? 53  ASP A OD1 1 
ATOM   414 O OD2 . ASP A 1 53 ? -7.112  7.543   -3.266  1.00 19.50 ? 53  ASP A OD2 1 
ATOM   415 N N   . PRO A 1 54 ? -8.768  3.135   -6.246  1.00 15.67 ? 54  PRO A N   1 
ATOM   416 C CA  . PRO A 1 54 ? -8.752  1.665   -6.217  1.00 14.74 ? 54  PRO A CA  1 
ATOM   417 C C   . PRO A 1 54 ? -7.746  1.275   -5.114  1.00 14.40 ? 54  PRO A C   1 
ATOM   418 O O   . PRO A 1 54 ? -6.775  1.985   -4.849  1.00 13.60 ? 54  PRO A O   1 
ATOM   419 C CB  . PRO A 1 54 ? -8.183  1.284   -7.592  1.00 13.79 ? 54  PRO A CB  1 
ATOM   420 C CG  . PRO A 1 54 ? -8.566  2.431   -8.465  1.00 15.03 ? 54  PRO A CG  1 
ATOM   421 C CD  . PRO A 1 54 ? -8.387  3.645   -7.578  1.00 15.36 ? 54  PRO A CD  1 
ATOM   422 N N   . ILE A 1 55 ? -7.992  0.169   -4.443  1.00 13.94 ? 55  ILE A N   1 
ATOM   423 C CA  . ILE A 1 55 ? -7.067  -0.240  -3.412  1.00 14.20 ? 55  ILE A CA  1 
ATOM   424 C C   . ILE A 1 55 ? -7.047  -1.745  -3.413  1.00 14.40 ? 55  ILE A C   1 
ATOM   425 O O   . ILE A 1 55 ? -8.047  -2.397  -3.691  1.00 15.03 ? 55  ILE A O   1 
ATOM   426 C CB  . ILE A 1 55 ? -7.460  0.320   -2.001  1.00 14.36 ? 55  ILE A CB  1 
ATOM   427 C CG1 . ILE A 1 55 ? -6.350  0.046   -0.977  1.00 15.16 ? 55  ILE A CG1 1 
ATOM   428 C CG2 . ILE A 1 55 ? -8.757  -0.274  -1.536  1.00 15.02 ? 55  ILE A CG2 1 
ATOM   429 C CD1 . ILE A 1 55 ? -6.459  0.869   0.276   1.00 16.06 ? 55  ILE A CD1 1 
ATOM   430 N N   . ARG A 1 56 ? -5.867  -2.268  -3.146  1.00 15.21 ? 56  ARG A N   1 
ATOM   431 C CA  . ARG A 1 56 ? -5.620  -3.691  -3.065  1.00 16.14 ? 56  ARG A CA  1 
ATOM   432 C C   . ARG A 1 56 ? -5.087  -3.963  -1.660  1.00 14.38 ? 56  ARG A C   1 
ATOM   433 O O   . ARG A 1 56 ? -4.118  -3.357  -1.243  1.00 15.03 ? 56  ARG A O   1 
ATOM   434 C CB  . ARG A 1 56 ? -4.580  -4.044  -4.124  1.00 18.85 ? 56  ARG A CB  1 
ATOM   435 C CG  . ARG A 1 56 ? -3.771  -5.276  -3.855  1.00 23.59 ? 56  ARG A CG  1 
ATOM   436 C CD  . ARG A 1 56 ? -4.550  -6.488  -4.143  1.00 24.34 ? 56  ARG A CD  1 
ATOM   437 N NE  . ARG A 1 56 ? -3.629  -7.616  -4.067  1.00 30.30 ? 56  ARG A NE  1 
ATOM   438 C CZ  . ARG A 1 56 ? -3.998  -8.886  -4.152  1.00 29.56 ? 56  ARG A CZ  1 
ATOM   439 N NH1 . ARG A 1 56 ? -3.072  -9.834  -4.059  1.00 29.16 ? 56  ARG A NH1 1 
ATOM   440 N NH2 . ARG A 1 56 ? -5.281  -9.193  -4.357  1.00 29.87 ? 56  ARG A NH2 1 
ATOM   441 N N   . CYS A 1 57 ? -5.782  -4.809  -0.912  1.00 14.70 ? 57  CYS A N   1 
ATOM   442 C CA  . CYS A 1 57 ? -5.351  -5.175  0.431   1.00 13.94 ? 57  CYS A CA  1 
ATOM   443 C C   . CYS A 1 57 ? -5.206  -6.665  0.438   1.00 14.61 ? 57  CYS A C   1 
ATOM   444 O O   . CYS A 1 57 ? -6.080  -7.378  -0.040  1.00 16.40 ? 57  CYS A O   1 
ATOM   445 C CB  . CYS A 1 57 ? -6.362  -4.751  1.483   1.00 14.73 ? 57  CYS A CB  1 
ATOM   446 S SG  . CYS A 1 57 ? -6.237  -2.959  1.733   1.00 17.15 ? 57  CYS A SG  1 
ATOM   447 N N   . CYS A 1 58 ? -4.094  -7.133  0.963   1.00 13.68 ? 58  CYS A N   1 
ATOM   448 C CA  . CYS A 1 58 ? -3.844  -8.552  0.988   1.00 15.04 ? 58  CYS A CA  1 
ATOM   449 C C   . CYS A 1 58 ? -2.934  -8.893  2.153   1.00 15.15 ? 58  CYS A C   1 
ATOM   450 O O   . CYS A 1 58 ? -2.299  -8.017  2.740   1.00 14.88 ? 58  CYS A O   1 
ATOM   451 C CB  . CYS A 1 58 ? -3.265  -8.972  -0.350  1.00 14.60 ? 58  CYS A CB  1 
ATOM   452 S SG  . CYS A 1 58 ? -1.872  -7.931  -0.850  1.00 17.58 ? 58  CYS A SG  1 
ATOM   453 N N   . GLY A 1 59 ? -2.902  -10.172 2.506   1.00 15.09 ? 59  GLY A N   1 
ATOM   454 C CA  . GLY A 1 59 ? -2.115  -10.571 3.648   1.00 14.97 ? 59  GLY A CA  1 
ATOM   455 C C   . GLY A 1 59 ? -0.983  -11.526 3.414   1.00 16.12 ? 59  GLY A C   1 
ATOM   456 O O   . GLY A 1 59 ? -0.574  -12.183 4.352   1.00 17.63 ? 59  GLY A O   1 
ATOM   457 N N   . THR A 1 60 ? -0.462  -11.609 2.197   1.00 16.94 ? 60  THR A N   1 
ATOM   458 C CA  . THR A 1 60 ? 0.666   -12.490 1.935   1.00 18.82 ? 60  THR A CA  1 
ATOM   459 C C   . THR A 1 60 ? 1.867   -11.675 1.502   1.00 19.65 ? 60  THR A C   1 
ATOM   460 O O   . THR A 1 60 ? 1.717   -10.571 0.989   1.00 18.29 ? 60  THR A O   1 
ATOM   461 C CB  . THR A 1 60 ? 0.331   -13.595 0.913   1.00 19.85 ? 60  THR A CB  1 
ATOM   462 O OG1 . THR A 1 60 ? -0.103  -13.018 -0.320  1.00 21.50 ? 60  THR A OG1 1 
ATOM   463 C CG2 . THR A 1 60 ? -0.770  -14.476 1.456   1.00 21.43 ? 60  THR A CG2 1 
ATOM   464 N N   . ASP A 1 61 ? 3.067   -12.199 1.731   1.00 19.44 ? 61  ASP A N   1 
ATOM   465 C CA  . ASP A 1 61 ? 4.291   -11.474 1.391   1.00 21.39 ? 61  ASP A CA  1 
ATOM   466 C C   . ASP A 1 61 ? 4.345   -10.902 -0.012  1.00 21.49 ? 61  ASP A C   1 
ATOM   467 O O   . ASP A 1 61 ? 4.151   -11.618 -1.008  1.00 20.98 ? 61  ASP A O   1 
ATOM   468 C CB  . ASP A 1 61 ? 5.543   -12.329 1.586   1.00 23.09 ? 61  ASP A CB  1 
ATOM   469 C CG  . ASP A 1 61 ? 5.873   -12.584 3.040   1.00 26.29 ? 61  ASP A CG  1 
ATOM   470 O OD1 . ASP A 1 61 ? 5.400   -11.868 3.937   1.00 25.58 ? 61  ASP A OD1 1 
ATOM   471 O OD2 . ASP A 1 61 ? 6.642   -13.532 3.285   1.00 32.08 ? 61  ASP A OD2 1 
ATOM   472 N N   . LYS A 1 62 ? 4.593   -9.596  -0.067  1.00 21.34 ? 62  LYS A N   1 
ATOM   473 C CA  . LYS A 1 62 ? 4.730   -8.866  -1.320  1.00 22.34 ? 62  LYS A CA  1 
ATOM   474 C C   . LYS A 1 62 ? 3.566   -9.028  -2.268  1.00 20.64 ? 62  LYS A C   1 
ATOM   475 O O   . LYS A 1 62 ? 3.741   -8.931  -3.488  1.00 20.95 ? 62  LYS A O   1 
ATOM   476 C CB  . LYS A 1 62 ? 6.017   -9.289  -2.008  1.00 24.82 ? 62  LYS A CB  1 
ATOM   477 C CG  . LYS A 1 62 ? 7.207   -8.975  -1.178  1.00 27.56 ? 62  LYS A CG  1 
ATOM   478 C CD  . LYS A 1 62 ? 8.426   -9.451  -1.851  1.00 32.63 ? 62  LYS A CD  1 
ATOM   479 C CE  . LYS A 1 62 ? 9.453   -9.710  -0.811  1.00 37.42 ? 62  LYS A CE  1 
ATOM   480 N NZ  . LYS A 1 62 ? 10.584  -10.454 -1.427  1.00 43.31 ? 62  LYS A NZ  1 
ATOM   481 N N   . CYS A 1 63 ? 2.379   -9.250  -1.700  1.00 18.82 ? 63  CYS A N   1 
ATOM   482 C CA  . CYS A 1 63 ? 1.171   -9.438  -2.486  1.00 18.25 ? 63  CYS A CA  1 
ATOM   483 C C   . CYS A 1 63 ? 0.699   -8.112  -3.073  1.00 17.93 ? 63  CYS A C   1 
ATOM   484 O O   . CYS A 1 63 ? -0.127  -8.105  -3.984  1.00 18.70 ? 63  CYS A O   1 
ATOM   485 C CB  . CYS A 1 63 ? 0.074   -10.039 -1.611  1.00 16.37 ? 63  CYS A CB  1 
ATOM   486 S SG  . CYS A 1 63 ? -0.297  -9.003  -0.166  1.00 17.33 ? 63  CYS A SG  1 
ATOM   487 N N   . ASN A 1 64 ? 1.242   -7.014  -2.545  1.00 17.21 ? 64  ASN A N   1 
ATOM   488 C CA  . ASN A 1 64 ? 0.888   -5.647  -2.967  1.00 18.02 ? 64  ASN A CA  1 
ATOM   489 C C   . ASN A 1 64 ? 1.878   -5.077  -3.964  1.00 18.97 ? 64  ASN A C   1 
ATOM   490 O O   . ASN A 1 64 ? 2.122   -3.874  -3.976  1.00 19.80 ? 64  ASN A O   1 
ATOM   491 C CB  . ASN A 1 64 ? 0.824   -4.709  -1.754  1.00 15.97 ? 64  ASN A CB  1 
ATOM   492 C CG  . ASN A 1 64 ? 2.190   -4.501  -1.089  1.00 15.83 ? 64  ASN A CG  1 
ATOM   493 O OD1 . ASN A 1 64 ? 3.067   -5.366  -1.155  1.00 16.62 ? 64  ASN A OD1 1 
ATOM   494 N ND2 . ASN A 1 64 ? 2.373   -3.355  -0.451  1.00 14.09 ? 64  ASN A ND2 1 
ATOM   495 N N   . ASP A 1 65 ? 2.500   -5.954  -4.738  1.00 20.96 ? 65  ASP A N   1 
ATOM   496 C CA  . ASP A 1 65 ? 3.469   -5.554  -5.756  1.00 24.02 ? 65  ASP A CA  1 
ATOM   497 C C   . ASP A 1 65 ? 2.762   -4.788  -6.878  1.00 24.11 ? 65  ASP A C   1 
ATOM   498 O O   . ASP A 1 65 ? 3.362   -3.825  -7.394  1.00 25.25 ? 65  ASP A O   1 
ATOM   499 C CB  . ASP A 1 65 ? 4.163   -6.793  -6.339  1.00 28.45 ? 65  ASP A CB  1 
ATOM   500 C CG  . ASP A 1 65 ? 3.167   -7.788  -6.982  1.00 35.12 ? 65  ASP A CG  1 
ATOM   501 O OD1 . ASP A 1 65 ? 2.284   -8.347  -6.273  1.00 36.73 ? 65  ASP A OD1 1 
ATOM   502 O OD2 . ASP A 1 65 ? 3.254   -7.991  -8.217  1.00 40.35 ? 65  ASP A OD2 1 
ATOM   503 O OXT . ASP A 1 65 ? 1.620   -5.155  -7.223  1.00 23.31 ? 65  ASP A OXT 1 
HETATM 504 S S   . SO4 B 2 .  ? -0.998  0.238   -13.377 0.49 29.01 ? 201 SO4 A S   1 
HETATM 505 O O1  . SO4 B 2 .  ? -1.627  0.555   -14.623 0.49 35.83 ? 201 SO4 A O1  1 
HETATM 506 O O2  . SO4 B 2 .  ? -0.434  1.426   -12.810 0.49 29.65 ? 201 SO4 A O2  1 
HETATM 507 O O3  . SO4 B 2 .  ? 0.035   -0.727  -13.587 0.49 34.71 ? 201 SO4 A O3  1 
HETATM 508 O O4  . SO4 B 2 .  ? -2.000  -0.152  -12.422 0.49 29.32 ? 201 SO4 A O4  1 
HETATM 509 O O   . HOH C 3 .  ? 4.986   -0.119  5.127   0.98 22.40 ? 101 HOH A O   1 
HETATM 510 O O   . HOH C 3 .  ? 3.529   3.135   2.752   0.98 22.30 ? 102 HOH A O   1 
HETATM 511 O O   . HOH C 3 .  ? 5.737   4.924   2.942   0.98 31.86 ? 103 HOH A O   1 
HETATM 512 O O   . HOH C 3 .  ? -6.737  -6.428  9.733   0.98 24.53 ? 104 HOH A O   1 
HETATM 513 O O   . HOH C 3 .  ? -8.752  -4.991  7.370   0.98 30.62 ? 105 HOH A O   1 
HETATM 514 O O   . HOH C 3 .  ? -3.073  -6.487  11.250  0.98 15.56 ? 106 HOH A O   1 
HETATM 515 O O   . HOH C 3 .  ? -4.392  -9.902  6.424   0.98 36.59 ? 107 HOH A O   1 
HETATM 516 O O   . HOH C 3 .  ? -8.515  -5.750  -1.854  0.98 28.95 ? 108 HOH A O   1 
HETATM 517 O O   . HOH C 3 .  ? -4.475  -11.974 0.725   0.98 45.49 ? 109 HOH A O   1 
HETATM 518 O O   . HOH C 3 .  ? 12.259  -11.369 8.300   0.98 23.07 ? 110 HOH A O   1 
HETATM 519 O O   . HOH C 3 .  ? -6.832  0.764   11.834  0.98 28.19 ? 112 HOH A O   1 
HETATM 520 O O   . HOH C 3 .  ? 3.416   -7.983  10.920  0.98 23.64 ? 113 HOH A O   1 
HETATM 521 O O   . HOH C 3 .  ? -8.108  10.565  -5.180  0.98 54.44 ? 114 HOH A O   1 
HETATM 522 O O   . HOH C 3 .  ? -8.494  12.362  -3.163  0.98 39.53 ? 115 HOH A O   1 
HETATM 523 O O   . HOH C 3 .  ? -3.990  14.276  -3.112  0.98 28.95 ? 116 HOH A O   1 
HETATM 524 O O   . HOH C 3 .  ? -1.041  15.781  -11.508 0.98 63.15 ? 117 HOH A O   1 
HETATM 525 O O   . HOH C 3 .  ? -0.451  1.880   7.690   0.98 15.32 ? 118 HOH A O   1 
HETATM 526 O O   . HOH C 3 .  ? -7.493  4.387   7.054   0.98 20.32 ? 119 HOH A O   1 
HETATM 527 O O   . HOH C 3 .  ? -12.028 1.814   -3.413  0.98 56.83 ? 120 HOH A O   1 
HETATM 528 O O   . HOH C 3 .  ? 2.113   -13.074 -1.967  0.98 30.05 ? 121 HOH A O   1 
HETATM 529 O O   . HOH C 3 .  ? -0.230  -6.435  -6.138  0.98 23.76 ? 122 HOH A O   1 
HETATM 530 O O   . HOH C 3 .  ? 3.101   -14.782 3.075   0.98 41.75 ? 123 HOH A O   1 
HETATM 531 O O   . HOH C 3 .  ? 0.774   -2.557  15.030  0.98 32.87 ? 124 HOH A O   1 
HETATM 532 O O   . HOH C 3 .  ? -2.136  -3.459  15.457  0.98 35.27 ? 125 HOH A O   1 
HETATM 533 O O   . HOH C 3 .  ? -0.986  -11.532 6.971   0.98 35.06 ? 127 HOH A O   1 
HETATM 534 O O   . HOH C 3 .  ? 6.553   -8.702  9.968   0.98 26.22 ? 128 HOH A O   1 
HETATM 535 O O   . HOH C 3 .  ? 1.244   -12.497 10.561  0.98 33.14 ? 129 HOH A O   1 
HETATM 536 O O   . HOH C 3 .  ? 12.477  5.531   5.159   0.98 53.07 ? 130 HOH A O   1 
HETATM 537 O O   . HOH C 3 .  ? 8.517   -6.757  12.340  0.98 37.79 ? 131 HOH A O   1 
HETATM 538 O O   . HOH C 3 .  ? 7.631   -5.063  15.727  0.98 30.00 ? 132 HOH A O   1 
HETATM 539 O O   . HOH C 3 .  ? 11.744  -0.428  4.926   0.98 61.50 ? 133 HOH A O   1 
HETATM 540 O O   . HOH C 3 .  ? -9.054  0.779   8.237   0.98 47.53 ? 134 HOH A O   1 
HETATM 541 O O   . HOH C 3 .  ? -10.162 8.311   -6.797  0.98 30.86 ? 135 HOH A O   1 
HETATM 542 O O   . HOH C 3 .  ? -0.026  11.355  -4.273  0.98 66.56 ? 136 HOH A O   1 
HETATM 543 O O   . HOH C 3 .  ? -4.483  3.338   -12.047 0.98 26.13 ? 137 HOH A O   1 
HETATM 544 O O   . HOH C 3 .  ? -4.957  -12.111 -2.270  0.98 46.89 ? 139 HOH A O   1 
HETATM 545 O O   . HOH C 3 .  ? 4.177   7.284   -3.949  0.98 48.20 ? 140 HOH A O   1 
HETATM 546 O O   . HOH C 3 .  ? -10.891 -0.053  2.179   0.98 36.39 ? 141 HOH A O   1 
HETATM 547 O O   . HOH C 3 .  ? -12.862 2.183   -6.932  0.98 48.86 ? 142 HOH A O   1 
HETATM 548 O O   . HOH C 3 .  ? -10.525 -1.095  -4.474  0.98 41.83 ? 143 HOH A O   1 
HETATM 549 O O   . HOH C 3 .  ? 3.216   -10.688 10.333  0.98 31.20 ? 144 HOH A O   1 
HETATM 550 O O   . HOH C 3 .  ? 3.492   -13.039 8.321   0.98 45.30 ? 145 HOH A O   1 
HETATM 551 O O   . HOH C 3 .  ? 4.065   -13.913 5.954   0.98 65.32 ? 146 HOH A O   1 
HETATM 552 O O   . HOH C 3 .  ? 12.587  -6.778  4.213   0.98 38.34 ? 148 HOH A O   1 
HETATM 553 O O   . HOH C 3 .  ? 9.175   -2.075  10.456  0.98 73.74 ? 149 HOH A O   1 
HETATM 554 O O   . HOH C 3 .  ? 12.288  -4.300  7.598   0.98 55.81 ? 150 HOH A O   1 
HETATM 555 O O   . HOH C 3 .  ? 10.742  -8.797  11.467  0.98 39.46 ? 151 HOH A O   1 
HETATM 556 O O   . HOH C 3 .  ? 8.463   -3.151  17.470  0.98 63.54 ? 152 HOH A O   1 
HETATM 557 O O   . HOH C 3 .  ? -13.168 1.626   2.935   0.98 78.60 ? 154 HOH A O   1 
HETATM 558 O O   . HOH C 3 .  ? -14.787 5.273   -1.920  0.98 38.68 ? 155 HOH A O   1 
HETATM 559 O O   . HOH C 3 .  ? -13.017 11.331  -5.533  0.98 58.05 ? 156 HOH A O   1 
HETATM 560 O O   . HOH C 3 .  ? 3.194   -0.851  -9.145  0.98 46.97 ? 157 HOH A O   1 
HETATM 561 O O   . HOH C 3 .  ? 6.248   -4.100  -6.746  0.98 50.21 ? 158 HOH A O   1 
HETATM 562 O O   . HOH C 3 .  ? 12.413  14.114  -2.852  0.98 73.12 ? 159 HOH A O   1 
HETATM 563 O O   . HOH C 3 .  ? 5.268   1.641   -7.504  0.98 62.10 ? 160 HOH A O   1 
HETATM 564 O O   . HOH C 3 .  ? 6.132   1.348   7.291   0.98 70.54 ? 161 HOH A O   1 
HETATM 565 O O   . HOH C 3 .  ? 8.715   -8.556  14.600  0.98 34.13 ? 162 HOH A O   1 
HETATM 566 O O   . HOH C 3 .  ? -4.774  8.463   3.729   0.98 57.20 ? 163 HOH A O   1 
HETATM 567 O O   . HOH C 3 .  ? -3.617  -0.743  15.238  0.98 52.43 ? 164 HOH A O   1 
HETATM 568 O O   . HOH C 3 .  ? 4.732   10.639  -4.325  0.98 71.98 ? 165 HOH A O   1 
HETATM 569 O O   . HOH C 3 .  ? -8.595  14.930  -18.377 0.98 36.85 ? 166 HOH A O   1 
HETATM 570 O O   . HOH C 3 .  ? 3.549   6.174   -8.975  0.98 53.90 ? 167 HOH A O   1 
HETATM 571 O O   . HOH C 3 .  ? 12.906  1.780   -6.696  0.98 67.80 ? 168 HOH A O   1 
HETATM 572 O O   . HOH C 3 .  ? 9.976   -4.660  11.640  0.98 58.17 ? 170 HOH A O   1 
HETATM 573 O O   . HOH C 3 .  ? -7.454  17.064  -9.661  0.98 61.57 ? 173 HOH A O   1 
HETATM 574 O O   . HOH C 3 .  ? -7.421  12.965  -21.752 0.98 59.30 ? 175 HOH A O   1 
HETATM 575 O O   . HOH C 3 .  ? 10.675  -11.706 1.485   0.98 50.89 ? 176 HOH A O   1 
HETATM 576 O O   . HOH C 3 .  ? 5.305   3.494   -4.753  0.98 68.30 ? 177 HOH A O   1 
HETATM 577 O O   . HOH C 3 .  ? 2.297   2.496   -12.824 0.98 59.49 ? 178 HOH A O   1 
HETATM 578 O O   . HOH C 3 .  ? -4.611  14.884  -16.080 1.00 60.31 ? 179 HOH A O   1 
HETATM 579 O O   . HOH C 3 .  ? -2.476  0.615   10.252  1.00 20.00 ? 180 HOH A O   1 
HETATM 580 O O   . HOH C 3 .  ? -7.528  6.516   4.500   1.00 20.00 ? 181 HOH A O   1 
HETATM 581 O O   . HOH C 3 .  ? -2.954  -12.996 -0.773  1.00 20.00 ? 182 HOH A O   1 
HETATM 582 O O   . HOH C 3 .  ? -7.261  -10.055 -0.623  1.00 20.00 ? 183 HOH A O   1 
HETATM 583 O O   . HOH C 3 .  ? -10.285 17.288  -11.118 1.00 20.00 ? 184 HOH A O   1 
HETATM 584 O O   . HOH C 3 .  ? -7.106  13.840  -5.484  1.00 20.00 ? 185 HOH A O   1 
HETATM 585 O O   . HOH C 3 .  ? -6.760  16.251  -17.231 1.00 20.00 ? 188 HOH A O   1 
# 
